data_7N58
#
_entry.id   7N58
#
_cell.length_a   1.00
_cell.length_b   1.00
_cell.length_c   1.00
_cell.angle_alpha   90.00
_cell.angle_beta   90.00
_cell.angle_gamma   90.00
#
_symmetry.space_group_name_H-M   'P 1'
#
_entity_poly.entity_id   1
_entity_poly.type   'polypeptide(L)'
_entity_poly.pdbx_seq_one_letter_code
;MSRGSRFVRAPGLLLCRVNLQPQPKIPSFSYSLRSDYRLHNGFSNYIRRNSIRTSPVINAFLSDNSPSPSPSPSPIRFVQ
RSSMLNGRLFSTSTPNPDQTTTKTKEIKTTSSDSDSAMADMKILRTLAGYLWMRDNPEFRFRVIAALGFLVGAKVLNVQV
PFLFKLAVDWLASATGTGASLTTFAATNPTLLTVFATPAAVLIGYGIARTGSSAFNELRTAVFSKVALRTIRSVSRKVFS
HLHDLDLRYHLSRETGGLNRIIDRGSRAINFILSAMVFNVVPTILEISMVSGILAYKFGAAFAWITSLSVGSYIVFTLAV
TQWRTKFRKAMNKADNDASTRAIDSLINYETVKYFNNEGYEAEKYDQFLKKYEDAALQTQRSLAFLNFGQSIIFSTALST
AMVLCSQGIMNGQMTVGDLVMVNGLLFQLSLPLNFLGSVYRETIQSLVDMKSMFQLLEEKSDITNTSDAKPLVLKGGNIE
FENVHFSYLPERKILDGISFVVPAGKSVAIVGTSGSGKSTILRMLFRFFDTDSGNIRIDGQDIKEVRLDSLRSSIGVVPQ
DTVLFNDTIFHNIHYGRLSATEEEVYEAARRAAIHETISNFPDKYSTIVGERGLKLSGGEKQRVALARTFLKSPAILLCD
EATSALDSTTEAEILNALKALASNRTSIFIAHRLTTAMQCDEIVVLENGKVVEQGPHDELLGKSGRYAQLWTQQNSSVDM
LDAAIKLEAAALEHHHHHH
;
_entity_poly.pdbx_strand_id   A,B
#
# COMPACT_ATOMS: atom_id res chain seq x y z
N ALA A 117 -6.67 -12.31 29.31
CA ALA A 117 -7.55 -12.14 28.16
C ALA A 117 -8.39 -13.39 27.93
N MET A 118 -9.22 -13.72 28.92
CA MET A 118 -10.10 -14.87 28.84
C MET A 118 -10.92 -14.85 27.56
N ALA A 119 -11.39 -13.66 27.16
CA ALA A 119 -12.12 -13.54 25.91
C ALA A 119 -11.33 -13.99 24.70
N ASP A 120 -9.99 -13.97 24.76
CA ASP A 120 -9.22 -14.46 23.61
C ASP A 120 -9.35 -15.97 23.47
N MET A 121 -9.27 -16.69 24.58
CA MET A 121 -9.55 -18.12 24.55
C MET A 121 -10.98 -18.36 24.08
N LYS A 122 -11.92 -17.53 24.54
CA LYS A 122 -13.29 -17.67 24.07
C LYS A 122 -13.37 -17.51 22.56
N ILE A 123 -12.60 -16.57 22.00
CA ILE A 123 -12.58 -16.37 20.54
C ILE A 123 -12.05 -17.61 19.85
N LEU A 124 -10.99 -18.20 20.39
CA LEU A 124 -10.52 -19.48 19.86
C LEU A 124 -11.63 -20.53 19.89
N ARG A 125 -12.40 -20.55 20.99
CA ARG A 125 -13.52 -21.48 21.09
C ARG A 125 -14.53 -21.25 19.97
N THR A 126 -14.85 -19.98 19.72
CA THR A 126 -15.76 -19.65 18.62
C THR A 126 -15.19 -20.13 17.28
N LEU A 127 -13.88 -20.00 17.10
CA LEU A 127 -13.28 -20.42 15.84
C LEU A 127 -13.41 -21.92 15.67
N ALA A 128 -13.13 -22.68 16.73
CA ALA A 128 -13.35 -24.12 16.68
C ALA A 128 -14.81 -24.46 16.41
N GLY A 129 -15.73 -23.71 17.04
CA GLY A 129 -17.15 -23.92 16.79
C GLY A 129 -17.53 -23.76 15.33
N TYR A 130 -16.98 -22.74 14.67
CA TYR A 130 -17.29 -22.52 13.26
C TYR A 130 -16.55 -23.49 12.34
N LEU A 131 -15.34 -23.90 12.73
CA LEU A 131 -14.51 -24.74 11.87
C LEU A 131 -15.15 -26.10 11.60
N TRP A 132 -15.72 -26.70 12.64
CA TRP A 132 -16.25 -28.06 12.55
C TRP A 132 -17.69 -28.03 12.07
N MET A 133 -17.93 -28.59 10.88
CA MET A 133 -19.27 -28.74 10.31
C MET A 133 -19.68 -30.19 10.45
N ARG A 134 -20.39 -30.51 11.53
CA ARG A 134 -20.86 -31.87 11.74
C ARG A 134 -21.83 -32.29 10.66
N ASP A 135 -22.70 -31.37 10.22
CA ASP A 135 -23.74 -31.61 9.23
C ASP A 135 -23.31 -32.49 8.06
N ASN A 136 -22.10 -32.29 7.53
CA ASN A 136 -21.67 -33.00 6.34
C ASN A 136 -20.58 -34.02 6.66
N PRO A 137 -20.80 -35.29 6.30
CA PRO A 137 -19.77 -36.32 6.55
C PRO A 137 -18.46 -36.11 5.81
N GLU A 138 -18.50 -35.56 4.59
CA GLU A 138 -17.28 -35.47 3.78
C GLU A 138 -16.22 -34.61 4.47
N PHE A 139 -16.63 -33.57 5.17
CA PHE A 139 -15.67 -32.65 5.77
C PHE A 139 -14.74 -33.39 6.73
N ARG A 140 -15.31 -34.23 7.58
CA ARG A 140 -14.50 -34.94 8.56
C ARG A 140 -13.50 -35.85 7.85
N PHE A 141 -13.95 -36.52 6.80
CA PHE A 141 -13.07 -37.43 6.06
C PHE A 141 -11.89 -36.65 5.49
N ARG A 142 -12.18 -35.50 4.90
CA ARG A 142 -11.11 -34.63 4.38
C ARG A 142 -10.10 -34.32 5.47
N VAL A 143 -10.59 -33.90 6.64
CA VAL A 143 -9.68 -33.51 7.73
C VAL A 143 -8.83 -34.70 8.14
N ILE A 144 -9.43 -35.90 8.15
CA ILE A 144 -8.72 -37.10 8.58
C ILE A 144 -7.60 -37.42 7.60
N ALA A 145 -7.93 -37.41 6.30
CA ALA A 145 -6.92 -37.60 5.27
C ALA A 145 -5.77 -36.62 5.45
N ALA A 146 -6.09 -35.34 5.65
CA ALA A 146 -5.06 -34.34 5.92
C ALA A 146 -4.13 -34.77 7.04
N LEU A 147 -4.71 -35.13 8.19
CA LEU A 147 -3.88 -35.55 9.33
C LEU A 147 -3.01 -36.74 8.96
N GLY A 148 -3.57 -37.72 8.25
CA GLY A 148 -2.77 -38.86 7.81
C GLY A 148 -1.58 -38.41 6.99
N PHE A 149 -1.81 -37.47 6.07
CA PHE A 149 -0.74 -37.01 5.18
C PHE A 149 0.23 -36.12 5.92
N LEU A 150 -0.10 -35.74 7.16
CA LEU A 150 0.81 -34.98 8.01
C LEU A 150 1.67 -35.91 8.86
N VAL A 151 1.15 -37.10 9.18
CA VAL A 151 1.93 -38.08 9.94
C VAL A 151 2.88 -38.85 9.03
N GLY A 152 2.36 -39.36 7.90
CA GLY A 152 3.18 -40.20 7.03
C GLY A 152 4.47 -39.51 6.60
N ALA A 153 4.34 -38.29 6.08
CA ALA A 153 5.51 -37.51 5.70
C ALA A 153 6.51 -37.42 6.85
N LYS A 154 6.04 -37.05 8.04
CA LYS A 154 6.94 -36.79 9.14
C LYS A 154 7.54 -38.06 9.71
N VAL A 155 7.09 -39.24 9.26
CA VAL A 155 7.79 -40.47 9.67
C VAL A 155 8.70 -40.99 8.55
N LEU A 156 8.41 -40.65 7.29
CA LEU A 156 9.38 -40.94 6.24
C LEU A 156 10.62 -40.06 6.39
N ASN A 157 10.44 -38.83 6.86
CA ASN A 157 11.58 -37.94 6.99
C ASN A 157 12.51 -38.35 8.13
N VAL A 158 12.11 -39.33 8.94
CA VAL A 158 12.97 -39.89 9.97
C VAL A 158 13.46 -41.24 9.46
N GLN A 159 12.71 -41.87 8.56
CA GLN A 159 13.26 -43.06 7.91
C GLN A 159 14.49 -42.71 7.08
N VAL A 160 14.58 -41.47 6.61
CA VAL A 160 15.67 -41.08 5.70
C VAL A 160 17.05 -41.28 6.33
N PRO A 161 17.34 -40.74 7.52
CA PRO A 161 18.67 -40.98 8.11
C PRO A 161 18.83 -42.39 8.63
N PHE A 162 17.76 -43.09 9.00
CA PHE A 162 17.94 -44.47 9.38
C PHE A 162 18.43 -45.28 8.17
N LEU A 163 17.86 -45.00 7.00
CA LEU A 163 18.40 -45.56 5.76
C LEU A 163 19.83 -45.10 5.49
N PHE A 164 20.23 -43.95 6.01
CA PHE A 164 21.64 -43.58 5.83
C PHE A 164 22.54 -44.16 6.90
N LYS A 165 21.97 -44.72 7.96
CA LYS A 165 22.78 -45.49 8.88
C LYS A 165 22.95 -46.89 8.33
N LEU A 166 21.86 -47.45 7.80
CA LEU A 166 21.89 -48.79 7.26
C LEU A 166 22.83 -48.86 6.05
N ALA A 167 22.89 -47.79 5.24
CA ALA A 167 23.73 -47.88 4.07
C ALA A 167 25.19 -47.58 4.36
N VAL A 168 25.48 -46.89 5.47
CA VAL A 168 26.88 -46.70 5.86
C VAL A 168 27.46 -48.03 6.30
N ASP A 169 26.66 -48.84 6.99
CA ASP A 169 27.03 -50.21 7.32
C ASP A 169 26.85 -51.09 6.09
N TRP A 170 27.39 -52.30 6.17
CA TRP A 170 27.41 -53.28 5.08
C TRP A 170 28.41 -52.80 4.04
N LEU A 171 28.41 -51.50 3.76
CA LEU A 171 29.44 -50.92 2.90
C LEU A 171 30.80 -51.03 3.57
N ALA A 172 30.83 -50.78 4.88
CA ALA A 172 32.05 -50.89 5.66
C ALA A 172 32.43 -52.36 5.87
N SER A 173 31.42 -53.23 6.02
CA SER A 173 31.69 -54.65 6.23
C SER A 173 32.58 -55.23 5.14
N ALA A 174 32.33 -54.86 3.88
CA ALA A 174 33.19 -55.28 2.78
C ALA A 174 34.30 -54.27 2.53
N THR A 175 35.52 -54.78 2.32
CA THR A 175 36.74 -54.03 2.09
C THR A 175 37.24 -53.38 3.38
N GLY A 176 36.31 -52.89 4.19
CA GLY A 176 36.60 -52.30 5.48
C GLY A 176 37.09 -53.30 6.51
N THR A 177 36.97 -54.59 6.22
CA THR A 177 37.30 -55.71 7.09
C THR A 177 36.33 -55.84 8.26
N GLY A 178 35.13 -55.28 8.10
CA GLY A 178 34.11 -55.41 9.14
C GLY A 178 33.63 -56.85 9.24
N ALA A 179 33.34 -57.26 10.47
CA ALA A 179 32.91 -58.64 10.72
C ALA A 179 31.67 -58.99 9.88
N SER A 180 31.84 -59.87 8.91
CA SER A 180 30.74 -60.29 8.05
C SER A 180 29.82 -61.31 8.73
N LEU A 181 30.27 -61.91 9.81
CA LEU A 181 29.53 -62.97 10.49
C LEU A 181 28.51 -62.42 11.49
N THR A 182 28.29 -61.10 11.50
CA THR A 182 27.31 -60.51 12.40
C THR A 182 25.87 -60.87 12.00
N THR A 183 25.72 -61.64 10.92
CA THR A 183 24.43 -62.02 10.36
C THR A 183 23.55 -60.79 10.19
N PHE A 184 22.36 -60.81 10.76
CA PHE A 184 21.46 -59.66 10.77
C PHE A 184 21.08 -59.38 12.23
N ALA A 185 21.93 -58.60 12.90
CA ALA A 185 21.78 -58.31 14.32
C ALA A 185 20.40 -57.78 14.68
N ALA A 186 20.02 -56.64 14.12
CA ALA A 186 18.78 -55.97 14.51
C ALA A 186 17.56 -56.84 14.22
N THR A 187 17.52 -57.43 13.03
CA THR A 187 16.44 -58.29 12.54
C THR A 187 15.14 -57.51 12.31
N ASN A 188 15.16 -56.20 12.45
CA ASN A 188 13.97 -55.39 12.15
C ASN A 188 13.84 -55.27 10.62
N PRO A 189 14.95 -55.06 9.86
CA PRO A 189 14.81 -54.97 8.41
C PRO A 189 15.00 -56.30 7.70
N THR A 190 14.69 -57.42 8.37
CA THR A 190 14.90 -58.75 7.81
C THR A 190 14.17 -58.94 6.48
N LEU A 191 13.34 -58.00 6.06
CA LEU A 191 12.65 -58.15 4.79
C LEU A 191 13.67 -58.02 3.67
N LEU A 192 13.46 -58.79 2.60
CA LEU A 192 14.38 -58.81 1.46
C LEU A 192 14.44 -57.47 0.75
N THR A 193 13.65 -56.49 1.20
CA THR A 193 13.68 -55.17 0.59
C THR A 193 15.05 -54.53 0.81
N VAL A 194 15.52 -53.82 -0.22
CA VAL A 194 16.75 -53.03 -0.27
C VAL A 194 17.97 -53.83 0.19
N PHE A 195 18.02 -55.13 -0.14
CA PHE A 195 19.15 -55.97 0.23
C PHE A 195 19.74 -56.69 -0.98
N ALA A 196 19.48 -56.19 -2.19
CA ALA A 196 20.00 -56.82 -3.39
C ALA A 196 21.49 -56.50 -3.56
N THR A 197 21.87 -55.28 -3.20
CA THR A 197 23.23 -54.75 -3.27
C THR A 197 23.19 -53.38 -2.60
N PRO A 198 24.32 -52.88 -2.06
CA PRO A 198 24.25 -51.58 -1.37
C PRO A 198 23.66 -50.47 -2.21
N ALA A 199 23.89 -50.45 -3.52
CA ALA A 199 23.33 -49.41 -4.38
C ALA A 199 21.83 -49.29 -4.17
N ALA A 200 21.16 -50.42 -3.89
CA ALA A 200 19.72 -50.42 -3.68
C ALA A 200 19.35 -49.55 -2.49
N VAL A 201 20.14 -49.61 -1.42
CA VAL A 201 19.80 -48.84 -0.23
C VAL A 201 19.88 -47.34 -0.53
N LEU A 202 20.89 -46.94 -1.31
CA LEU A 202 21.03 -45.54 -1.69
C LEU A 202 19.85 -45.07 -2.53
N ILE A 203 19.46 -45.89 -3.51
CA ILE A 203 18.24 -45.59 -4.28
C ILE A 203 17.03 -45.48 -3.37
N GLY A 204 16.91 -46.39 -2.40
CA GLY A 204 15.83 -46.31 -1.43
C GLY A 204 15.86 -45.03 -0.61
N TYR A 205 17.07 -44.60 -0.24
CA TYR A 205 17.24 -43.33 0.47
C TYR A 205 16.64 -42.18 -0.33
N GLY A 206 17.03 -42.09 -1.61
CA GLY A 206 16.50 -41.02 -2.45
C GLY A 206 14.99 -41.10 -2.61
N ILE A 207 14.48 -42.30 -2.88
CA ILE A 207 13.04 -42.48 -3.09
C ILE A 207 12.27 -42.13 -1.83
N ALA A 208 12.77 -42.59 -0.68
CA ALA A 208 12.15 -42.30 0.61
C ALA A 208 12.03 -40.80 0.84
N ARG A 209 13.16 -40.09 0.84
CA ARG A 209 13.10 -38.65 1.09
C ARG A 209 12.19 -37.93 0.09
N THR A 210 12.29 -38.27 -1.21
CA THR A 210 11.40 -37.66 -2.19
C THR A 210 9.94 -37.93 -1.85
N GLY A 211 9.62 -39.14 -1.40
CA GLY A 211 8.24 -39.47 -1.09
C GLY A 211 7.75 -38.73 0.13
N SER A 212 8.62 -38.55 1.12
CA SER A 212 8.28 -37.75 2.29
C SER A 212 7.92 -36.33 1.88
N SER A 213 8.77 -35.70 1.06
CA SER A 213 8.47 -34.35 0.59
C SER A 213 7.23 -34.31 -0.29
N ALA A 214 6.85 -35.44 -0.89
CA ALA A 214 5.60 -35.49 -1.65
C ALA A 214 4.41 -35.53 -0.72
N PHE A 215 4.38 -36.48 0.21
CA PHE A 215 3.30 -36.58 1.18
C PHE A 215 3.06 -35.22 1.84
N ASN A 216 4.14 -34.65 2.39
CA ASN A 216 4.02 -33.39 3.11
C ASN A 216 3.49 -32.28 2.21
N GLU A 217 4.00 -32.17 0.98
CA GLU A 217 3.48 -31.13 0.10
C GLU A 217 2.01 -31.37 -0.24
N LEU A 218 1.62 -32.63 -0.45
CA LEU A 218 0.24 -32.98 -0.77
C LEU A 218 -0.72 -32.54 0.34
N ARG A 219 -0.28 -32.65 1.59
CA ARG A 219 -1.16 -32.28 2.69
C ARG A 219 -1.66 -30.84 2.53
N THR A 220 -0.80 -29.95 2.04
CA THR A 220 -1.17 -28.54 1.91
C THR A 220 -2.33 -28.39 0.93
N ALA A 221 -2.25 -29.11 -0.19
CA ALA A 221 -3.30 -29.06 -1.19
C ALA A 221 -4.60 -29.60 -0.62
N VAL A 222 -4.51 -30.69 0.14
CA VAL A 222 -5.74 -31.27 0.70
C VAL A 222 -6.38 -30.31 1.71
N PHE A 223 -5.58 -29.56 2.47
CA PHE A 223 -6.11 -28.73 3.54
C PHE A 223 -6.48 -27.31 3.09
N SER A 224 -6.08 -26.89 1.89
CA SER A 224 -6.48 -25.55 1.45
C SER A 224 -7.91 -25.53 0.92
N LYS A 225 -8.37 -26.61 0.30
CA LYS A 225 -9.77 -26.68 -0.12
C LYS A 225 -10.71 -26.67 1.08
N VAL A 226 -10.19 -26.88 2.29
CA VAL A 226 -10.95 -26.72 3.52
C VAL A 226 -10.84 -25.30 4.06
N ALA A 227 -9.63 -24.75 4.07
CA ALA A 227 -9.44 -23.39 4.57
C ALA A 227 -10.28 -22.39 3.78
N LEU A 228 -10.20 -22.43 2.45
CA LEU A 228 -11.00 -21.54 1.62
C LEU A 228 -12.50 -21.64 1.94
N ARG A 229 -13.01 -22.86 2.12
CA ARG A 229 -14.43 -23.03 2.42
C ARG A 229 -14.78 -22.39 3.76
N THR A 230 -13.89 -22.53 4.75
CA THR A 230 -14.14 -21.93 6.05
C THR A 230 -14.22 -20.41 5.93
N ILE A 231 -13.21 -19.81 5.28
CA ILE A 231 -13.19 -18.36 5.06
C ILE A 231 -14.48 -17.93 4.39
N ARG A 232 -14.90 -18.68 3.37
CA ARG A 232 -16.10 -18.29 2.63
C ARG A 232 -17.34 -18.28 3.53
N SER A 233 -17.47 -19.30 4.37
CA SER A 233 -18.68 -19.37 5.18
C SER A 233 -18.71 -18.25 6.20
N VAL A 234 -17.55 -17.94 6.79
CA VAL A 234 -17.53 -16.88 7.78
C VAL A 234 -17.82 -15.54 7.12
N SER A 235 -17.20 -15.28 5.97
CA SER A 235 -17.44 -14.01 5.30
C SER A 235 -18.89 -13.84 4.86
N ARG A 236 -19.50 -14.89 4.30
CA ARG A 236 -20.90 -14.78 3.86
C ARG A 236 -21.81 -14.53 5.04
N LYS A 237 -21.59 -15.23 6.16
CA LYS A 237 -22.43 -15.03 7.33
C LYS A 237 -22.29 -13.61 7.85
N VAL A 238 -21.05 -13.10 7.90
CA VAL A 238 -20.83 -11.74 8.39
C VAL A 238 -21.54 -10.73 7.47
N PHE A 239 -21.44 -10.93 6.16
CA PHE A 239 -22.10 -10.05 5.20
C PHE A 239 -23.60 -9.97 5.49
N SER A 240 -24.25 -11.14 5.59
CA SER A 240 -25.69 -11.14 5.81
C SER A 240 -26.04 -10.48 7.14
N HIS A 241 -25.30 -10.80 8.20
CA HIS A 241 -25.59 -10.17 9.48
C HIS A 241 -25.41 -8.67 9.38
N LEU A 242 -24.47 -8.21 8.56
CA LEU A 242 -24.23 -6.78 8.41
C LEU A 242 -25.46 -6.12 7.82
N HIS A 243 -25.97 -6.68 6.72
CA HIS A 243 -27.14 -6.06 6.11
C HIS A 243 -28.34 -6.11 7.05
N ASP A 244 -28.44 -7.16 7.87
CA ASP A 244 -29.54 -7.25 8.84
C ASP A 244 -29.51 -6.11 9.86
N LEU A 245 -28.32 -5.58 10.17
CA LEU A 245 -28.16 -4.56 11.20
C LEU A 245 -28.92 -3.29 10.87
N ASP A 246 -29.36 -2.59 11.92
CA ASP A 246 -30.16 -1.38 11.79
C ASP A 246 -29.36 -0.21 11.22
N LEU A 247 -30.10 0.78 10.74
CA LEU A 247 -29.49 1.93 10.06
C LEU A 247 -28.54 2.71 10.96
N ARG A 248 -28.83 2.81 12.26
CA ARG A 248 -28.01 3.64 13.13
C ARG A 248 -26.56 3.18 13.14
N TYR A 249 -26.35 1.86 13.19
CA TYR A 249 -25.00 1.32 13.18
C TYR A 249 -24.27 1.69 11.91
N HIS A 250 -24.94 1.56 10.76
CA HIS A 250 -24.30 1.87 9.49
C HIS A 250 -23.93 3.34 9.41
N LEU A 251 -24.84 4.22 9.86
CA LEU A 251 -24.59 5.65 9.76
C LEU A 251 -23.40 6.08 10.61
N SER A 252 -23.30 5.58 11.84
CA SER A 252 -22.21 5.99 12.72
C SER A 252 -20.84 5.52 12.20
N ARG A 253 -20.76 4.26 11.76
CA ARG A 253 -19.48 3.73 11.33
C ARG A 253 -19.08 4.24 9.96
N GLU A 254 -17.77 4.40 9.78
CA GLU A 254 -17.17 4.80 8.51
C GLU A 254 -17.17 3.66 7.50
N THR A 255 -17.47 3.99 6.24
CA THR A 255 -17.61 2.99 5.18
C THR A 255 -16.30 2.24 4.95
N GLY A 256 -15.17 2.97 4.96
CA GLY A 256 -13.87 2.33 4.76
C GLY A 256 -13.55 1.32 5.85
N GLY A 257 -13.96 1.62 7.08
CA GLY A 257 -13.62 0.74 8.19
C GLY A 257 -14.19 -0.65 8.00
N LEU A 258 -15.43 -0.75 7.51
CA LEU A 258 -16.04 -2.08 7.37
C LEU A 258 -15.22 -2.91 6.41
N ASN A 259 -14.79 -2.32 5.30
CA ASN A 259 -13.93 -2.99 4.34
C ASN A 259 -12.69 -3.50 5.03
N ARG A 260 -11.94 -2.58 5.65
CA ARG A 260 -10.70 -2.94 6.32
C ARG A 260 -10.91 -4.11 7.26
N ILE A 261 -12.01 -4.07 8.04
CA ILE A 261 -12.28 -5.10 9.04
C ILE A 261 -12.46 -6.46 8.38
N ILE A 262 -13.28 -6.50 7.31
CA ILE A 262 -13.57 -7.79 6.69
C ILE A 262 -12.31 -8.35 6.02
N ASP A 263 -11.60 -7.51 5.27
CA ASP A 263 -10.45 -8.02 4.53
C ASP A 263 -9.36 -8.47 5.48
N ARG A 264 -9.04 -7.65 6.50
CA ARG A 264 -7.98 -8.03 7.43
C ARG A 264 -8.37 -9.26 8.22
N GLY A 265 -9.63 -9.37 8.64
CA GLY A 265 -10.04 -10.55 9.39
C GLY A 265 -9.95 -11.82 8.57
N SER A 266 -10.42 -11.79 7.31
CA SER A 266 -10.33 -12.99 6.49
C SER A 266 -8.89 -13.38 6.24
N ARG A 267 -8.03 -12.39 5.96
CA ARG A 267 -6.61 -12.68 5.79
C ARG A 267 -6.03 -13.26 7.07
N ALA A 268 -6.42 -12.72 8.22
CA ALA A 268 -5.89 -13.19 9.49
C ALA A 268 -6.29 -14.64 9.71
N ILE A 269 -7.54 -14.99 9.39
CA ILE A 269 -8.01 -16.35 9.59
C ILE A 269 -7.18 -17.30 8.74
N ASN A 270 -6.96 -16.91 7.48
CA ASN A 270 -6.18 -17.77 6.59
C ASN A 270 -4.76 -17.93 7.11
N PHE A 271 -4.16 -16.83 7.55
CA PHE A 271 -2.78 -16.87 8.00
C PHE A 271 -2.64 -17.73 9.24
N ILE A 272 -3.54 -17.56 10.21
CA ILE A 272 -3.40 -18.28 11.46
C ILE A 272 -3.60 -19.78 11.22
N LEU A 273 -4.60 -20.16 10.41
CA LEU A 273 -4.80 -21.58 10.18
C LEU A 273 -3.62 -22.20 9.44
N SER A 274 -3.10 -21.51 8.41
CA SER A 274 -1.95 -22.06 7.70
C SER A 274 -0.74 -22.11 8.60
N ALA A 275 -0.53 -21.08 9.41
CA ALA A 275 0.65 -20.98 10.26
C ALA A 275 0.67 -22.11 11.25
N MET A 276 -0.50 -22.43 11.81
CA MET A 276 -0.52 -23.42 12.88
C MET A 276 -0.41 -24.81 12.28
N VAL A 277 -1.28 -25.12 11.32
CA VAL A 277 -1.36 -26.48 10.77
C VAL A 277 -0.05 -26.84 10.09
N PHE A 278 0.55 -25.91 9.35
CA PHE A 278 1.74 -26.21 8.57
C PHE A 278 3.04 -25.98 9.32
N ASN A 279 3.05 -25.24 10.43
CA ASN A 279 4.30 -24.94 11.12
C ASN A 279 4.33 -25.43 12.56
N VAL A 280 3.37 -25.01 13.40
CA VAL A 280 3.46 -25.33 14.82
C VAL A 280 3.37 -26.83 15.05
N VAL A 281 2.40 -27.48 14.43
CA VAL A 281 2.18 -28.91 14.66
C VAL A 281 3.33 -29.75 14.11
N PRO A 282 3.76 -29.59 12.85
CA PRO A 282 4.92 -30.36 12.38
C PRO A 282 6.18 -30.18 13.21
N THR A 283 6.47 -28.96 13.67
CA THR A 283 7.69 -28.73 14.44
C THR A 283 7.68 -29.50 15.74
N ILE A 284 6.52 -29.62 16.38
CA ILE A 284 6.43 -30.24 17.69
C ILE A 284 6.32 -31.74 17.55
N LEU A 285 5.61 -32.23 16.53
CA LEU A 285 5.64 -33.66 16.28
C LEU A 285 7.05 -34.12 15.97
N GLU A 286 7.78 -33.37 15.14
CA GLU A 286 9.17 -33.68 14.84
C GLU A 286 10.02 -33.74 16.10
N ILE A 287 10.02 -32.67 16.88
CA ILE A 287 10.88 -32.62 18.08
C ILE A 287 10.50 -33.72 19.06
N SER A 288 9.20 -33.92 19.32
CA SER A 288 8.77 -34.93 20.28
C SER A 288 9.18 -36.32 19.83
N MET A 289 8.99 -36.64 18.55
CA MET A 289 9.33 -37.96 18.05
C MET A 289 10.84 -38.17 18.12
N VAL A 290 11.62 -37.18 17.68
CA VAL A 290 13.07 -37.33 17.67
C VAL A 290 13.57 -37.58 19.07
N SER A 291 13.12 -36.78 20.04
CA SER A 291 13.51 -37.05 21.42
C SER A 291 12.93 -38.37 21.91
N GLY A 292 11.85 -38.85 21.30
CA GLY A 292 11.19 -40.09 21.67
C GLY A 292 11.82 -41.31 21.07
N ILE A 293 12.92 -41.12 20.34
CA ILE A 293 13.64 -42.23 19.72
C ILE A 293 14.56 -42.79 20.81
N LEU A 294 14.32 -42.35 22.05
CA LEU A 294 15.12 -42.75 23.21
C LEU A 294 15.10 -44.25 23.46
N ALA A 295 14.13 -44.98 22.91
CA ALA A 295 14.10 -46.43 23.08
C ALA A 295 15.35 -47.08 22.51
N TYR A 296 15.81 -46.61 21.36
CA TYR A 296 16.91 -47.25 20.64
C TYR A 296 18.10 -46.31 20.53
N LYS A 297 19.29 -46.84 20.81
CA LYS A 297 20.56 -46.13 20.65
C LYS A 297 20.57 -44.78 21.40
N PHE A 298 20.11 -44.81 22.65
CA PHE A 298 20.00 -43.57 23.39
C PHE A 298 20.14 -43.83 24.88
N GLY A 299 20.39 -42.75 25.62
CA GLY A 299 20.41 -42.79 27.06
C GLY A 299 19.55 -41.68 27.61
N ALA A 300 19.16 -41.84 28.87
CA ALA A 300 18.25 -40.86 29.49
C ALA A 300 18.88 -39.47 29.51
N ALA A 301 20.14 -39.39 29.93
CA ALA A 301 20.82 -38.09 29.96
C ALA A 301 20.96 -37.48 28.57
N PHE A 302 21.30 -38.31 27.58
CA PHE A 302 21.55 -37.81 26.23
C PHE A 302 20.32 -37.15 25.62
N ALA A 303 19.13 -37.73 25.85
CA ALA A 303 17.91 -37.19 25.26
C ALA A 303 17.60 -35.77 25.73
N TRP A 304 17.80 -35.49 27.01
CA TRP A 304 17.46 -34.17 27.56
C TRP A 304 18.28 -33.05 26.92
N ILE A 305 19.54 -33.31 26.56
CA ILE A 305 20.42 -32.25 26.07
C ILE A 305 19.84 -31.59 24.83
N THR A 306 19.35 -32.38 23.87
CA THR A 306 18.79 -31.80 22.65
C THR A 306 17.54 -30.97 22.94
N SER A 307 16.67 -31.45 23.82
CA SER A 307 15.46 -30.68 24.16
C SER A 307 15.83 -29.37 24.82
N LEU A 308 16.80 -29.39 25.74
CA LEU A 308 17.23 -28.16 26.38
C LEU A 308 17.82 -27.20 25.36
N SER A 309 18.62 -27.74 24.43
CA SER A 309 19.23 -26.91 23.40
C SER A 309 18.17 -26.20 22.57
N VAL A 310 17.21 -26.96 22.03
CA VAL A 310 16.20 -26.36 21.17
C VAL A 310 15.33 -25.38 21.95
N GLY A 311 15.03 -25.69 23.21
CA GLY A 311 14.25 -24.75 24.02
C GLY A 311 14.99 -23.44 24.24
N SER A 312 16.29 -23.51 24.52
CA SER A 312 17.08 -22.29 24.65
C SER A 312 17.11 -21.52 23.34
N TYR A 313 17.24 -22.24 22.22
CA TYR A 313 17.30 -21.58 20.91
C TYR A 313 16.00 -20.83 20.62
N ILE A 314 14.86 -21.46 20.90
CA ILE A 314 13.57 -20.81 20.64
C ILE A 314 13.41 -19.60 21.56
N VAL A 315 13.85 -19.72 22.82
CA VAL A 315 13.69 -18.61 23.74
C VAL A 315 14.54 -17.43 23.28
N PHE A 316 15.78 -17.70 22.86
CA PHE A 316 16.67 -16.63 22.45
C PHE A 316 16.11 -15.90 21.24
N THR A 317 15.66 -16.65 20.22
CA THR A 317 15.18 -15.99 19.01
C THR A 317 13.92 -15.16 19.31
N LEU A 318 13.01 -15.73 20.10
CA LEU A 318 11.78 -15.00 20.39
C LEU A 318 12.09 -13.73 21.17
N ALA A 319 12.97 -13.81 22.17
CA ALA A 319 13.26 -12.62 22.97
C ALA A 319 13.92 -11.55 22.13
N VAL A 320 14.90 -11.91 21.29
CA VAL A 320 15.62 -10.89 20.53
C VAL A 320 14.78 -10.31 19.39
N THR A 321 13.66 -10.96 19.03
CA THR A 321 12.84 -10.36 17.98
C THR A 321 12.14 -9.10 18.49
N GLN A 322 11.65 -9.14 19.73
CA GLN A 322 11.06 -7.97 20.35
C GLN A 322 12.00 -6.77 20.22
N TRP A 323 13.28 -6.99 20.53
CA TRP A 323 14.27 -5.92 20.44
C TRP A 323 14.40 -5.43 19.00
N ARG A 324 14.38 -6.35 18.04
CA ARG A 324 14.52 -5.97 16.63
C ARG A 324 13.39 -5.05 16.19
N THR A 325 12.17 -5.31 16.69
CA THR A 325 11.01 -4.52 16.26
C THR A 325 11.18 -3.04 16.54
N LYS A 326 11.77 -2.68 17.69
CA LYS A 326 11.92 -1.27 18.01
C LYS A 326 12.79 -0.55 16.97
N PHE A 327 13.89 -1.18 16.55
CA PHE A 327 14.73 -0.58 15.53
C PHE A 327 13.97 -0.47 14.22
N ARG A 328 13.19 -1.50 13.87
CA ARG A 328 12.46 -1.43 12.61
C ARG A 328 11.50 -0.25 12.62
N LYS A 329 10.80 -0.05 13.74
CA LYS A 329 9.86 1.07 13.84
C LYS A 329 10.58 2.40 13.73
N ALA A 330 11.73 2.54 14.40
CA ALA A 330 12.50 3.78 14.29
C ALA A 330 12.90 4.04 12.85
N MET A 331 13.28 2.99 12.11
CA MET A 331 13.70 3.15 10.73
C MET A 331 12.52 3.60 9.86
N ASN A 332 11.35 2.99 10.07
CA ASN A 332 10.18 3.38 9.28
C ASN A 332 9.80 4.83 9.56
N LYS A 333 9.83 5.24 10.83
CA LYS A 333 9.58 6.63 11.18
C LYS A 333 10.54 7.57 10.44
N ALA A 334 11.84 7.29 10.52
CA ALA A 334 12.82 8.18 9.90
C ALA A 334 12.62 8.24 8.38
N ASP A 335 12.36 7.08 7.75
CA ASP A 335 12.18 7.06 6.30
C ASP A 335 10.96 7.88 5.89
N ASN A 336 9.85 7.72 6.61
CA ASN A 336 8.66 8.50 6.28
C ASN A 336 8.91 9.99 6.48
N ASP A 337 9.63 10.36 7.55
CA ASP A 337 9.92 11.77 7.79
C ASP A 337 10.74 12.35 6.65
N ALA A 338 11.78 11.64 6.22
CA ALA A 338 12.62 12.11 5.13
C ALA A 338 11.82 12.26 3.84
N SER A 339 10.95 11.28 3.54
CA SER A 339 10.19 11.35 2.31
C SER A 339 9.22 12.53 2.33
N THR A 340 8.47 12.67 3.42
CA THR A 340 7.50 13.75 3.52
C THR A 340 8.20 15.11 3.44
N ARG A 341 9.35 15.24 4.10
CA ARG A 341 10.12 16.47 4.02
C ARG A 341 10.50 16.78 2.57
N ALA A 342 11.00 15.78 1.84
CA ALA A 342 11.46 16.09 0.49
C ALA A 342 10.32 16.29 -0.48
N ILE A 343 9.12 15.85 -0.12
CA ILE A 343 7.96 16.13 -0.97
C ILE A 343 7.45 17.53 -0.70
N ASP A 344 7.37 17.92 0.58
CA ASP A 344 7.01 19.29 0.89
C ASP A 344 7.99 20.26 0.23
N SER A 345 9.27 19.90 0.20
CA SER A 345 10.29 20.77 -0.39
C SER A 345 10.15 20.86 -1.90
N LEU A 346 9.93 19.71 -2.58
CA LEU A 346 9.72 19.72 -4.02
C LEU A 346 8.47 20.52 -4.41
N ILE A 347 7.35 20.26 -3.71
CA ILE A 347 6.10 20.95 -4.00
C ILE A 347 6.28 22.47 -4.00
N ASN A 348 6.91 23.01 -2.97
CA ASN A 348 7.12 24.45 -2.87
C ASN A 348 8.36 24.90 -3.63
N TYR A 349 8.37 24.57 -4.92
CA TYR A 349 9.47 24.95 -5.81
C TYR A 349 9.59 26.46 -5.99
N GLU A 350 8.45 27.15 -6.12
CA GLU A 350 8.50 28.57 -6.48
C GLU A 350 9.23 29.39 -5.43
N THR A 351 8.81 29.28 -4.16
CA THR A 351 9.46 30.03 -3.09
C THR A 351 10.96 29.83 -3.12
N VAL A 352 11.40 28.58 -3.27
CA VAL A 352 12.83 28.30 -3.26
C VAL A 352 13.50 29.00 -4.43
N LYS A 353 12.87 28.93 -5.61
CA LYS A 353 13.50 29.48 -6.81
C LYS A 353 13.64 30.99 -6.74
N TYR A 354 12.66 31.69 -6.15
CA TYR A 354 12.71 33.16 -6.20
C TYR A 354 13.97 33.70 -5.52
N PHE A 355 14.29 33.16 -4.35
CA PHE A 355 15.41 33.64 -3.55
C PHE A 355 16.20 32.49 -2.95
N ASN A 356 17.53 32.60 -3.05
CA ASN A 356 18.50 31.66 -2.47
C ASN A 356 18.10 30.20 -2.70
N ASN A 357 18.04 29.85 -3.98
CA ASN A 357 17.65 28.51 -4.37
C ASN A 357 18.70 27.49 -3.93
N GLU A 358 18.23 26.42 -3.28
CA GLU A 358 19.06 25.34 -2.76
C GLU A 358 20.34 25.83 -2.08
N GLY A 359 20.29 27.02 -1.50
CA GLY A 359 21.42 27.47 -0.70
C GLY A 359 21.51 26.74 0.63
N TYR A 360 20.46 26.80 1.44
CA TYR A 360 20.41 26.10 2.70
C TYR A 360 19.45 24.91 2.68
N GLU A 361 18.80 24.64 1.56
CA GLU A 361 17.79 23.59 1.45
C GLU A 361 18.45 22.21 1.35
N ALA A 362 19.48 22.10 0.49
CA ALA A 362 20.12 20.81 0.30
C ALA A 362 20.78 20.34 1.59
N GLU A 363 21.42 21.24 2.34
CA GLU A 363 22.08 20.81 3.57
C GLU A 363 21.07 20.21 4.53
N LYS A 364 19.85 20.75 4.57
CA LYS A 364 18.86 20.28 5.54
C LYS A 364 18.32 18.92 5.10
N TYR A 365 18.15 18.74 3.79
CA TYR A 365 17.74 17.43 3.32
C TYR A 365 18.85 16.43 3.62
N ASP A 366 20.10 16.88 3.45
CA ASP A 366 21.26 16.06 3.76
C ASP A 366 21.22 15.59 5.22
N GLN A 367 20.90 16.50 6.15
CA GLN A 367 20.88 16.10 7.55
C GLN A 367 19.82 15.04 7.79
N PHE A 368 18.64 15.22 7.18
CA PHE A 368 17.61 14.18 7.28
C PHE A 368 18.11 12.84 6.73
N LEU A 369 18.82 12.87 5.60
CA LEU A 369 19.25 11.59 5.05
C LEU A 369 20.44 11.01 5.80
N LYS A 370 21.15 11.83 6.59
CA LYS A 370 22.16 11.29 7.50
C LYS A 370 21.50 10.57 8.66
N LYS A 371 20.43 11.16 9.19
CA LYS A 371 19.73 10.50 10.27
C LYS A 371 19.16 9.16 9.80
N TYR A 372 18.61 9.13 8.58
CA TYR A 372 18.12 7.87 8.05
C TYR A 372 19.26 6.88 7.84
N GLU A 373 20.40 7.34 7.30
CA GLU A 373 21.49 6.43 7.01
C GLU A 373 22.17 5.92 8.26
N ASP A 374 21.97 6.58 9.40
CA ASP A 374 22.46 6.03 10.65
C ASP A 374 21.44 5.07 11.26
N ALA A 375 20.16 5.41 11.22
CA ALA A 375 19.16 4.51 11.79
C ALA A 375 19.02 3.24 10.98
N ALA A 376 19.56 3.22 9.76
CA ALA A 376 19.57 2.01 8.94
C ALA A 376 20.84 1.21 9.11
N LEU A 377 21.98 1.88 9.32
CA LEU A 377 23.21 1.19 9.67
C LEU A 377 23.17 0.57 11.07
N GLN A 378 22.25 1.02 11.93
CA GLN A 378 22.17 0.46 13.28
C GLN A 378 21.46 -0.89 13.27
N THR A 379 20.32 -0.96 12.58
CA THR A 379 19.55 -2.19 12.53
C THR A 379 20.36 -3.35 11.97
N GLN A 380 21.31 -3.10 11.04
CA GLN A 380 22.13 -4.19 10.55
C GLN A 380 22.94 -4.85 11.67
N ARG A 381 23.61 -4.06 12.51
CA ARG A 381 24.33 -4.64 13.66
C ARG A 381 23.39 -5.32 14.64
N SER A 382 22.15 -4.83 14.75
CA SER A 382 21.22 -5.50 15.65
C SER A 382 20.78 -6.84 15.08
N LEU A 383 20.47 -6.89 13.79
CA LEU A 383 20.15 -8.17 13.17
C LEU A 383 21.37 -9.09 13.24
N ALA A 384 22.56 -8.50 13.13
CA ALA A 384 23.81 -9.27 13.13
C ALA A 384 23.97 -10.06 14.42
N PHE A 385 23.67 -9.44 15.56
CA PHE A 385 23.85 -10.15 16.81
C PHE A 385 22.95 -11.38 16.85
N LEU A 386 21.71 -11.23 16.37
CA LEU A 386 20.77 -12.34 16.34
C LEU A 386 21.25 -13.42 15.37
N ASN A 387 21.67 -13.03 14.17
CA ASN A 387 22.05 -13.98 13.16
C ASN A 387 23.39 -14.63 13.43
N PHE A 388 24.09 -14.20 14.48
CA PHE A 388 25.30 -14.88 14.93
C PHE A 388 24.99 -15.81 16.10
N GLY A 389 24.24 -15.32 17.08
CA GLY A 389 23.92 -16.19 18.20
C GLY A 389 22.99 -17.32 17.82
N GLN A 390 22.18 -17.13 16.77
CA GLN A 390 21.33 -18.18 16.24
C GLN A 390 22.14 -19.30 15.62
N SER A 391 23.43 -19.08 15.41
CA SER A 391 24.36 -20.08 14.90
C SER A 391 25.13 -20.73 16.04
N ILE A 392 25.70 -19.91 16.92
CA ILE A 392 26.53 -20.46 18.00
C ILE A 392 25.70 -21.34 18.94
N ILE A 393 24.47 -20.89 19.28
CA ILE A 393 23.60 -21.65 20.18
C ILE A 393 23.30 -23.04 19.62
N PHE A 394 23.22 -23.16 18.29
CA PHE A 394 22.89 -24.44 17.69
C PHE A 394 24.13 -25.24 17.33
N SER A 395 25.29 -24.59 17.26
CA SER A 395 26.54 -25.29 17.02
C SER A 395 27.04 -26.00 18.26
N THR A 396 26.86 -25.38 19.44
CA THR A 396 27.27 -26.05 20.67
C THR A 396 26.53 -27.37 20.86
N ALA A 397 25.27 -27.44 20.41
CA ALA A 397 24.52 -28.68 20.49
C ALA A 397 25.16 -29.78 19.65
N LEU A 398 25.51 -29.46 18.41
CA LEU A 398 26.09 -30.45 17.52
C LEU A 398 27.43 -30.92 18.04
N SER A 399 28.26 -30.00 18.55
CA SER A 399 29.56 -30.40 19.08
C SER A 399 29.38 -31.32 20.28
N THR A 400 28.42 -31.00 21.16
CA THR A 400 28.23 -31.82 22.35
C THR A 400 27.72 -33.20 21.97
N ALA A 401 26.75 -33.26 21.06
CA ALA A 401 26.21 -34.54 20.60
C ALA A 401 27.30 -35.42 20.01
N MET A 402 28.08 -34.89 19.07
CA MET A 402 29.11 -35.71 18.45
C MET A 402 30.17 -36.15 19.45
N VAL A 403 30.65 -35.25 20.31
CA VAL A 403 31.71 -35.65 21.24
C VAL A 403 31.21 -36.73 22.20
N LEU A 404 29.94 -36.62 22.62
CA LEU A 404 29.39 -37.66 23.49
C LEU A 404 29.24 -38.97 22.76
N CYS A 405 28.87 -38.93 21.47
CA CYS A 405 28.74 -40.19 20.74
C CYS A 405 30.10 -40.82 20.54
N SER A 406 31.11 -39.99 20.26
CA SER A 406 32.46 -40.52 20.04
C SER A 406 32.96 -41.23 21.28
N GLN A 407 32.66 -40.68 22.46
CA GLN A 407 33.09 -41.35 23.69
C GLN A 407 32.48 -42.74 23.78
N GLY A 408 31.22 -42.88 23.41
CA GLY A 408 30.60 -44.20 23.41
C GLY A 408 31.27 -45.11 22.42
N ILE A 409 31.55 -44.60 21.22
CA ILE A 409 32.10 -45.44 20.16
C ILE A 409 33.44 -46.01 20.62
N MET A 410 34.31 -45.13 21.15
CA MET A 410 35.63 -45.54 21.59
C MET A 410 35.56 -46.34 22.90
N ASN A 411 34.42 -46.37 23.58
CA ASN A 411 34.30 -47.07 24.84
C ASN A 411 33.61 -48.42 24.69
N GLY A 412 33.47 -48.91 23.47
CA GLY A 412 32.89 -50.22 23.23
C GLY A 412 31.42 -50.32 23.54
N GLN A 413 30.66 -49.24 23.35
CA GLN A 413 29.22 -49.24 23.49
C GLN A 413 28.58 -49.84 22.24
N MET A 414 27.28 -50.11 22.34
CA MET A 414 26.54 -50.68 21.22
C MET A 414 26.62 -49.79 20.00
N THR A 415 26.77 -48.48 20.18
CA THR A 415 26.83 -47.55 19.06
C THR A 415 28.03 -47.85 18.17
N VAL A 416 27.77 -48.12 16.89
CA VAL A 416 28.81 -48.38 15.90
C VAL A 416 28.40 -47.77 14.57
N GLY A 417 29.14 -46.76 14.12
CA GLY A 417 28.89 -46.13 12.83
C GLY A 417 27.59 -45.38 12.69
N ASP A 418 26.88 -45.10 13.78
CA ASP A 418 25.59 -44.43 13.74
C ASP A 418 25.70 -42.94 14.02
N LEU A 419 26.92 -42.42 14.14
CA LEU A 419 27.13 -41.00 14.29
C LEU A 419 26.54 -40.23 13.11
N VAL A 420 26.63 -40.80 11.91
CA VAL A 420 26.18 -40.14 10.70
C VAL A 420 24.68 -39.85 10.69
N MET A 421 23.89 -40.52 11.53
CA MET A 421 22.46 -40.17 11.53
C MET A 421 22.20 -38.91 12.35
N VAL A 422 22.94 -38.72 13.44
CA VAL A 422 22.69 -37.57 14.31
C VAL A 422 22.80 -36.26 13.52
N ASN A 423 23.81 -36.15 12.65
CA ASN A 423 23.91 -34.98 11.79
C ASN A 423 22.60 -34.77 11.03
N GLY A 424 22.07 -35.85 10.45
CA GLY A 424 20.84 -35.72 9.68
C GLY A 424 19.66 -35.28 10.52
N LEU A 425 19.52 -35.86 11.73
CA LEU A 425 18.40 -35.49 12.59
C LEU A 425 18.49 -34.02 12.99
N LEU A 426 19.70 -33.58 13.34
CA LEU A 426 19.89 -32.18 13.71
C LEU A 426 19.59 -31.27 12.53
N PHE A 427 20.01 -31.67 11.32
CA PHE A 427 19.71 -30.86 10.15
C PHE A 427 18.20 -30.77 9.92
N GLN A 428 17.49 -31.89 10.09
CA GLN A 428 16.04 -31.87 9.89
C GLN A 428 15.37 -30.92 10.87
N LEU A 429 15.80 -30.96 12.14
CA LEU A 429 15.27 -30.02 13.12
C LEU A 429 15.64 -28.57 12.77
N SER A 430 16.85 -28.36 12.28
CA SER A 430 17.36 -27.02 12.02
C SER A 430 16.61 -26.27 10.93
N LEU A 431 15.91 -26.96 10.03
CA LEU A 431 15.34 -26.24 8.88
C LEU A 431 14.09 -25.45 9.27
N PRO A 432 13.03 -26.05 9.81
CA PRO A 432 11.80 -25.27 10.03
C PRO A 432 11.74 -24.52 11.35
N LEU A 433 12.80 -24.56 12.16
CA LEU A 433 12.77 -23.85 13.44
C LEU A 433 12.69 -22.35 13.23
N ASN A 434 13.35 -21.84 12.18
CA ASN A 434 13.47 -20.40 11.99
C ASN A 434 12.11 -19.71 11.87
N PHE A 435 11.13 -20.37 11.24
CA PHE A 435 9.84 -19.75 11.02
C PHE A 435 9.15 -19.36 12.33
N LEU A 436 9.26 -20.22 13.35
CA LEU A 436 8.57 -19.97 14.61
C LEU A 436 9.00 -18.67 15.27
N GLY A 437 10.25 -18.26 15.06
CA GLY A 437 10.74 -17.06 15.71
C GLY A 437 10.01 -15.78 15.32
N SER A 438 9.67 -15.64 14.04
CA SER A 438 9.10 -14.40 13.52
C SER A 438 7.57 -14.34 13.55
N VAL A 439 6.89 -15.36 14.06
CA VAL A 439 5.43 -15.40 13.99
C VAL A 439 4.73 -14.58 15.06
N TYR A 440 5.45 -14.03 16.04
CA TYR A 440 4.80 -13.38 17.18
C TYR A 440 3.98 -12.16 16.76
N ARG A 441 4.59 -11.24 16.02
CA ARG A 441 3.86 -10.03 15.61
C ARG A 441 2.63 -10.40 14.79
N GLU A 442 2.78 -11.32 13.84
CA GLU A 442 1.64 -11.68 13.01
C GLU A 442 0.55 -12.31 13.86
N THR A 443 0.93 -13.17 14.80
CA THR A 443 -0.06 -13.85 15.62
C THR A 443 -0.84 -12.86 16.47
N ILE A 444 -0.15 -11.92 17.12
CA ILE A 444 -0.87 -10.98 17.99
C ILE A 444 -1.78 -10.08 17.16
N GLN A 445 -1.27 -9.61 16.01
CA GLN A 445 -2.07 -8.72 15.17
C GLN A 445 -3.29 -9.43 14.62
N SER A 446 -3.12 -10.69 14.21
CA SER A 446 -4.24 -11.43 13.64
C SER A 446 -5.23 -11.78 14.73
N LEU A 447 -4.74 -12.07 15.94
CA LEU A 447 -5.62 -12.49 17.02
C LEU A 447 -6.43 -11.33 17.55
N VAL A 448 -5.95 -10.10 17.36
CA VAL A 448 -6.80 -8.95 17.73
C VAL A 448 -7.73 -8.58 16.57
N ASP A 449 -7.28 -8.70 15.32
CA ASP A 449 -8.20 -8.46 14.20
C ASP A 449 -9.36 -9.44 14.21
N MET A 450 -9.09 -10.69 14.59
CA MET A 450 -10.16 -11.66 14.72
C MET A 450 -11.16 -11.28 15.80
N LYS A 451 -10.67 -10.72 16.91
CA LYS A 451 -11.60 -10.20 17.92
C LYS A 451 -12.41 -9.05 17.35
N SER A 452 -11.79 -8.22 16.53
CA SER A 452 -12.53 -7.13 15.89
C SER A 452 -13.71 -7.69 15.10
N MET A 453 -13.43 -8.64 14.21
CA MET A 453 -14.49 -9.21 13.38
C MET A 453 -15.56 -9.87 14.23
N PHE A 454 -15.17 -10.77 15.14
CA PHE A 454 -16.18 -11.45 15.95
C PHE A 454 -16.87 -10.52 16.93
N GLN A 455 -16.37 -9.29 17.09
CA GLN A 455 -17.07 -8.27 17.86
C GLN A 455 -18.09 -7.57 16.99
N LEU A 456 -17.81 -7.43 15.69
CA LEU A 456 -18.80 -6.88 14.78
C LEU A 456 -20.04 -7.78 14.75
N LEU A 457 -19.83 -9.09 14.71
CA LEU A 457 -20.91 -10.05 14.83
C LEU A 457 -21.45 -10.07 16.25
N GLU A 458 -22.63 -10.67 16.41
CA GLU A 458 -23.36 -10.85 17.67
C GLU A 458 -23.85 -9.52 18.25
N GLU A 459 -24.01 -8.52 17.41
CA GLU A 459 -24.60 -7.24 17.80
C GLU A 459 -26.04 -7.21 17.31
N LYS A 460 -26.98 -7.13 18.25
CA LYS A 460 -28.40 -7.25 17.95
C LYS A 460 -28.96 -5.96 17.38
N SER A 461 -29.91 -6.12 16.46
CA SER A 461 -30.62 -4.98 15.87
C SER A 461 -31.67 -4.44 16.81
N ASP A 462 -31.78 -3.10 16.86
CA ASP A 462 -32.73 -2.46 17.76
C ASP A 462 -34.17 -2.77 17.39
N ILE A 463 -34.49 -2.79 16.10
CA ILE A 463 -35.89 -2.91 15.65
C ILE A 463 -36.21 -4.40 15.61
N THR A 464 -36.54 -4.94 16.77
CA THR A 464 -37.05 -6.30 16.86
C THR A 464 -38.56 -6.30 16.71
N ASN A 465 -39.09 -7.38 16.17
CA ASN A 465 -40.53 -7.56 16.07
C ASN A 465 -41.00 -8.57 17.12
N THR A 466 -42.30 -8.56 17.37
CA THR A 466 -42.88 -9.48 18.34
C THR A 466 -42.86 -10.91 17.80
N SER A 467 -43.07 -11.87 18.71
CA SER A 467 -43.04 -13.28 18.33
C SER A 467 -44.07 -13.58 17.27
N ASP A 468 -45.34 -13.36 17.57
CA ASP A 468 -46.41 -13.64 16.62
C ASP A 468 -46.28 -12.78 15.37
N ALA A 469 -46.41 -13.41 14.21
CA ALA A 469 -46.31 -12.74 12.92
C ALA A 469 -47.68 -12.72 12.24
N LYS A 470 -48.16 -11.53 11.91
CA LYS A 470 -49.43 -11.35 11.22
C LYS A 470 -49.19 -10.65 9.90
N PRO A 471 -49.73 -11.15 8.78
CA PRO A 471 -49.47 -10.54 7.48
C PRO A 471 -50.35 -9.32 7.24
N LEU A 472 -49.77 -8.33 6.55
CA LEU A 472 -50.50 -7.09 6.26
C LEU A 472 -51.57 -7.37 5.21
N VAL A 473 -52.83 -7.40 5.64
CA VAL A 473 -53.97 -7.54 4.72
C VAL A 473 -54.59 -6.16 4.57
N LEU A 474 -54.18 -5.45 3.52
CA LEU A 474 -54.62 -4.08 3.28
C LEU A 474 -55.53 -4.05 2.04
N LYS A 475 -56.83 -3.86 2.27
CA LYS A 475 -57.75 -3.68 1.17
C LYS A 475 -57.52 -2.34 0.48
N GLY A 476 -57.35 -1.29 1.26
CA GLY A 476 -57.10 0.04 0.72
C GLY A 476 -56.19 0.80 1.65
N GLY A 477 -55.37 1.69 1.08
CA GLY A 477 -54.39 2.39 1.89
C GLY A 477 -54.93 3.64 2.54
N ASN A 478 -54.92 3.67 3.86
CA ASN A 478 -55.32 4.84 4.64
C ASN A 478 -54.21 5.17 5.63
N ILE A 479 -53.67 6.38 5.54
CA ILE A 479 -52.56 6.80 6.39
C ILE A 479 -53.15 7.65 7.51
N GLU A 480 -53.09 7.14 8.74
CA GLU A 480 -53.59 7.86 9.91
C GLU A 480 -52.50 7.97 10.95
N PHE A 481 -52.09 9.20 11.26
CA PHE A 481 -51.07 9.47 12.27
C PHE A 481 -51.76 9.99 13.53
N GLU A 482 -51.34 9.47 14.69
CA GLU A 482 -51.93 9.85 15.97
C GLU A 482 -50.83 10.18 16.97
N ASN A 483 -50.55 11.48 17.13
CA ASN A 483 -49.61 11.98 18.14
C ASN A 483 -48.28 11.25 18.11
N VAL A 484 -47.73 11.10 16.90
CA VAL A 484 -46.43 10.45 16.73
C VAL A 484 -45.34 11.43 17.12
N HIS A 485 -44.56 11.08 18.14
CA HIS A 485 -43.41 11.87 18.55
C HIS A 485 -42.14 11.05 18.38
N PHE A 486 -41.08 11.69 17.89
CA PHE A 486 -39.80 11.01 17.71
C PHE A 486 -38.68 12.03 17.85
N SER A 487 -37.73 11.75 18.74
CA SER A 487 -36.57 12.61 18.92
C SER A 487 -35.32 11.82 18.57
N TYR A 488 -34.59 12.30 17.55
CA TYR A 488 -33.31 11.70 17.21
C TYR A 488 -32.31 11.90 18.35
N LEU A 489 -32.37 13.06 19.00
CA LEU A 489 -31.50 13.38 20.12
C LEU A 489 -32.37 14.09 21.14
N PRO A 490 -32.01 14.04 22.43
CA PRO A 490 -32.89 14.67 23.44
C PRO A 490 -33.08 16.17 23.26
N GLU A 491 -32.04 16.89 22.82
CA GLU A 491 -32.16 18.34 22.68
C GLU A 491 -33.26 18.74 21.70
N ARG A 492 -33.27 18.16 20.51
CA ARG A 492 -34.21 18.53 19.45
C ARG A 492 -35.12 17.34 19.15
N LYS A 493 -36.42 17.50 19.41
CA LYS A 493 -37.42 16.50 19.05
C LYS A 493 -38.12 16.94 17.76
N ILE A 494 -37.94 16.14 16.71
CA ILE A 494 -38.38 16.52 15.36
C ILE A 494 -39.90 16.69 15.29
N LEU A 495 -40.63 15.62 15.59
CA LEU A 495 -42.08 15.60 15.43
C LEU A 495 -42.77 15.78 16.77
N ASP A 496 -43.72 16.71 16.83
CA ASP A 496 -44.37 17.03 18.09
C ASP A 496 -45.87 16.73 18.03
N GLY A 497 -46.24 15.53 17.62
CA GLY A 497 -47.63 15.12 17.58
C GLY A 497 -48.33 15.23 16.25
N ILE A 498 -47.62 15.05 15.14
CA ILE A 498 -48.24 15.18 13.82
C ILE A 498 -49.42 14.23 13.71
N SER A 499 -50.60 14.78 13.44
CA SER A 499 -51.79 13.96 13.21
C SER A 499 -52.51 14.45 11.95
N PHE A 500 -52.69 13.54 10.99
CA PHE A 500 -53.46 13.81 9.79
C PHE A 500 -53.94 12.47 9.23
N VAL A 501 -54.97 12.54 8.39
CA VAL A 501 -55.58 11.36 7.82
C VAL A 501 -55.66 11.54 6.31
N VAL A 502 -55.17 10.55 5.57
CA VAL A 502 -55.18 10.57 4.11
C VAL A 502 -56.32 9.65 3.63
N PRO A 503 -57.20 10.13 2.76
CA PRO A 503 -58.20 9.22 2.18
C PRO A 503 -57.58 8.32 1.14
N ALA A 504 -58.21 7.15 0.95
CA ALA A 504 -57.67 6.15 0.04
C ALA A 504 -57.64 6.67 -1.40
N GLY A 505 -56.58 6.34 -2.12
CA GLY A 505 -56.45 6.69 -3.52
C GLY A 505 -56.30 8.17 -3.82
N LYS A 506 -55.88 8.97 -2.84
CA LYS A 506 -55.76 10.41 -3.03
C LYS A 506 -54.30 10.84 -2.91
N SER A 507 -54.05 12.09 -3.25
CA SER A 507 -52.72 12.69 -3.19
C SER A 507 -52.68 13.76 -2.12
N VAL A 508 -51.72 13.69 -1.22
CA VAL A 508 -51.53 14.67 -0.17
C VAL A 508 -50.09 15.15 -0.19
N ALA A 509 -49.86 16.43 0.10
CA ALA A 509 -48.56 17.05 -0.06
C ALA A 509 -48.04 17.54 1.28
N ILE A 510 -46.77 17.26 1.55
CA ILE A 510 -46.08 17.69 2.77
C ILE A 510 -45.06 18.74 2.36
N VAL A 511 -45.23 19.97 2.86
CA VAL A 511 -44.38 21.09 2.45
C VAL A 511 -43.82 21.76 3.68
N GLY A 512 -42.67 22.40 3.51
CA GLY A 512 -42.06 23.14 4.59
C GLY A 512 -40.68 23.64 4.18
N THR A 513 -40.01 24.25 5.16
CA THR A 513 -38.65 24.74 4.97
C THR A 513 -37.66 23.59 5.09
N SER A 514 -36.38 23.91 4.88
CA SER A 514 -35.33 22.91 5.05
C SER A 514 -34.96 22.72 6.52
N GLY A 515 -35.09 23.77 7.33
CA GLY A 515 -34.89 23.63 8.77
C GLY A 515 -35.91 22.72 9.43
N SER A 516 -37.09 22.55 8.81
CA SER A 516 -38.16 21.75 9.40
C SER A 516 -37.82 20.28 9.49
N GLY A 517 -36.73 19.83 8.87
CA GLY A 517 -36.30 18.45 8.94
C GLY A 517 -37.32 17.43 8.50
N LYS A 518 -37.93 17.64 7.32
CA LYS A 518 -38.97 16.75 6.83
C LYS A 518 -38.41 15.44 6.28
N SER A 519 -37.10 15.22 6.40
CA SER A 519 -36.49 13.97 5.96
C SER A 519 -36.99 12.78 6.77
N THR A 520 -37.36 13.01 8.04
CA THR A 520 -37.70 11.91 8.94
C THR A 520 -38.86 11.08 8.42
N ILE A 521 -39.88 11.72 7.81
CA ILE A 521 -41.09 11.06 7.32
C ILE A 521 -40.78 9.75 6.62
N LEU A 522 -39.88 9.78 5.64
CA LEU A 522 -39.56 8.58 4.86
C LEU A 522 -39.00 7.49 5.76
N ARG A 523 -38.10 7.87 6.66
CA ARG A 523 -37.47 6.89 7.54
C ARG A 523 -38.51 6.25 8.46
N MET A 524 -39.39 7.08 9.03
CA MET A 524 -40.42 6.56 9.92
C MET A 524 -41.42 5.66 9.22
N LEU A 525 -41.94 6.06 8.06
CA LEU A 525 -42.96 5.25 7.41
C LEU A 525 -42.42 3.87 7.06
N PHE A 526 -41.13 3.79 6.75
CA PHE A 526 -40.46 2.54 6.43
C PHE A 526 -40.04 1.77 7.68
N ARG A 527 -40.38 2.28 8.86
CA ARG A 527 -40.02 1.67 10.13
C ARG A 527 -38.51 1.57 10.33
N PHE A 528 -37.80 2.59 9.86
CA PHE A 528 -36.37 2.64 10.18
C PHE A 528 -36.15 2.94 11.65
N PHE A 529 -36.91 3.88 12.21
CA PHE A 529 -36.87 4.22 13.63
C PHE A 529 -38.26 4.09 14.25
N ASP A 530 -38.31 3.68 15.50
CA ASP A 530 -39.58 3.45 16.20
C ASP A 530 -40.07 4.72 16.89
N THR A 531 -41.36 4.73 17.24
CA THR A 531 -41.99 5.88 17.88
C THR A 531 -41.92 5.75 19.39
N ASP A 532 -41.52 6.83 20.05
CA ASP A 532 -41.42 6.80 21.52
C ASP A 532 -42.79 6.57 22.14
N SER A 533 -43.80 7.34 21.72
CA SER A 533 -45.11 7.25 22.35
C SER A 533 -46.29 7.13 21.39
N GLY A 534 -46.06 7.08 20.08
CA GLY A 534 -47.15 7.09 19.11
C GLY A 534 -47.34 5.79 18.36
N ASN A 535 -48.34 5.81 17.49
CA ASN A 535 -48.73 4.66 16.68
C ASN A 535 -48.91 5.10 15.23
N ILE A 536 -48.88 4.13 14.32
CA ILE A 536 -49.13 4.37 12.91
C ILE A 536 -50.23 3.43 12.43
N ARG A 537 -51.32 4.00 11.91
CA ARG A 537 -52.48 3.24 11.46
C ARG A 537 -52.36 3.04 9.96
N ILE A 538 -52.14 1.80 9.54
CA ILE A 538 -52.14 1.43 8.13
C ILE A 538 -53.39 0.60 7.89
N ASP A 539 -54.34 1.16 7.15
CA ASP A 539 -55.64 0.53 6.90
C ASP A 539 -56.27 0.13 8.23
N GLY A 540 -56.15 1.00 9.22
CA GLY A 540 -56.61 0.68 10.57
C GLY A 540 -55.95 -0.52 11.20
N GLN A 541 -54.64 -0.69 10.96
CA GLN A 541 -53.86 -1.73 11.62
C GLN A 541 -52.62 -1.09 12.25
N ASP A 542 -52.10 -1.75 13.27
CA ASP A 542 -50.91 -1.30 13.98
C ASP A 542 -49.67 -1.91 13.33
N ILE A 543 -48.67 -1.07 13.09
CA ILE A 543 -47.47 -1.54 12.39
C ILE A 543 -46.63 -2.44 13.28
N LYS A 544 -46.63 -2.17 14.60
CA LYS A 544 -45.79 -2.92 15.54
C LYS A 544 -45.94 -4.43 15.41
N GLU A 545 -47.13 -4.92 15.06
CA GLU A 545 -47.35 -6.35 14.98
C GLU A 545 -46.96 -6.95 13.63
N VAL A 546 -47.30 -6.28 12.53
CA VAL A 546 -47.11 -6.86 11.20
C VAL A 546 -45.63 -7.09 10.92
N ARG A 547 -45.35 -8.15 10.15
CA ARG A 547 -43.99 -8.48 9.76
C ARG A 547 -43.32 -7.36 8.98
N LEU A 548 -42.03 -7.18 9.24
CA LEU A 548 -41.26 -6.15 8.55
C LEU A 548 -41.25 -6.37 7.05
N ASP A 549 -41.03 -7.63 6.64
CA ASP A 549 -40.99 -7.95 5.22
C ASP A 549 -42.30 -7.59 4.52
N SER A 550 -43.44 -7.95 5.11
CA SER A 550 -44.72 -7.68 4.47
C SER A 550 -44.94 -6.18 4.27
N LEU A 551 -44.59 -5.37 5.26
CA LEU A 551 -44.81 -3.93 5.13
C LEU A 551 -43.85 -3.34 4.11
N ARG A 552 -42.56 -3.65 4.22
CA ARG A 552 -41.60 -3.03 3.32
C ARG A 552 -41.80 -3.51 1.89
N SER A 553 -42.40 -4.68 1.70
CA SER A 553 -42.68 -5.16 0.36
C SER A 553 -43.94 -4.53 -0.22
N SER A 554 -44.95 -4.28 0.62
CA SER A 554 -46.21 -3.79 0.09
C SER A 554 -46.20 -2.29 -0.15
N ILE A 555 -45.20 -1.57 0.34
CA ILE A 555 -45.09 -0.12 0.18
C ILE A 555 -44.12 0.18 -0.96
N GLY A 556 -44.42 1.22 -1.72
CA GLY A 556 -43.58 1.63 -2.84
C GLY A 556 -43.01 3.02 -2.62
N VAL A 557 -41.78 3.22 -3.07
CA VAL A 557 -41.03 4.44 -2.77
C VAL A 557 -40.09 4.72 -3.94
N VAL A 558 -39.93 5.99 -4.26
CA VAL A 558 -38.97 6.45 -5.27
C VAL A 558 -37.83 7.17 -4.55
N PRO A 559 -36.57 6.82 -4.82
CA PRO A 559 -35.47 7.44 -4.07
C PRO A 559 -35.24 8.87 -4.52
N GLN A 560 -34.56 9.63 -3.65
CA GLN A 560 -34.24 11.01 -3.96
C GLN A 560 -33.01 11.10 -4.86
N ASP A 561 -31.97 10.36 -4.52
CA ASP A 561 -30.78 10.23 -5.35
C ASP A 561 -30.78 8.82 -5.91
N THR A 562 -30.73 8.71 -7.23
CA THR A 562 -30.89 7.42 -7.92
C THR A 562 -29.51 6.91 -8.33
N VAL A 563 -28.86 6.19 -7.42
CA VAL A 563 -27.54 5.64 -7.69
C VAL A 563 -27.70 4.38 -8.52
N LEU A 564 -27.00 4.31 -9.65
CA LEU A 564 -27.04 3.14 -10.51
C LEU A 564 -25.74 2.36 -10.42
N PHE A 565 -25.88 1.03 -10.36
CA PHE A 565 -24.73 0.14 -10.32
C PHE A 565 -24.10 0.05 -11.69
N ASN A 566 -22.87 -0.46 -11.73
CA ASN A 566 -22.13 -0.56 -12.99
C ASN A 566 -22.50 -1.88 -13.67
N ASP A 567 -23.47 -1.82 -14.57
CA ASP A 567 -23.98 -3.01 -15.24
C ASP A 567 -24.79 -2.58 -16.45
N THR A 568 -25.33 -3.57 -17.16
CA THR A 568 -26.12 -3.33 -18.36
C THR A 568 -27.43 -2.65 -18.02
N ILE A 569 -27.84 -1.72 -18.89
CA ILE A 569 -29.11 -1.01 -18.74
C ILE A 569 -30.24 -1.96 -18.37
N PHE A 570 -30.34 -3.09 -19.07
CA PHE A 570 -31.44 -4.02 -18.85
C PHE A 570 -31.46 -4.53 -17.42
N HIS A 571 -30.28 -4.66 -16.79
CA HIS A 571 -30.25 -5.06 -15.39
C HIS A 571 -30.63 -3.90 -14.48
N ASN A 572 -30.22 -2.68 -14.80
CA ASN A 572 -30.58 -1.55 -13.97
C ASN A 572 -32.03 -1.14 -14.16
N ILE A 573 -32.72 -1.72 -15.15
CA ILE A 573 -34.10 -1.37 -15.43
C ILE A 573 -35.06 -2.49 -15.04
N HIS A 574 -34.58 -3.72 -14.83
CA HIS A 574 -35.46 -4.76 -14.31
C HIS A 574 -35.15 -5.04 -12.84
N TYR A 575 -34.30 -4.21 -12.23
CA TYR A 575 -33.86 -4.43 -10.86
C TYR A 575 -35.02 -4.39 -9.87
N GLY A 576 -36.08 -3.62 -10.17
CA GLY A 576 -37.13 -3.42 -9.19
C GLY A 576 -37.78 -4.71 -8.74
N ARG A 577 -38.16 -5.56 -9.69
CA ARG A 577 -38.66 -6.91 -9.40
C ARG A 577 -37.90 -7.88 -10.28
N LEU A 578 -37.24 -8.86 -9.67
CA LEU A 578 -36.56 -9.88 -10.45
C LEU A 578 -37.60 -10.77 -11.14
N SER A 579 -37.12 -11.68 -11.97
CA SER A 579 -37.98 -12.53 -12.80
C SER A 579 -38.86 -11.67 -13.71
N ALA A 580 -38.25 -10.64 -14.28
CA ALA A 580 -38.93 -9.74 -15.22
C ALA A 580 -38.58 -10.15 -16.65
N THR A 581 -39.61 -10.40 -17.45
CA THR A 581 -39.42 -10.80 -18.84
C THR A 581 -39.12 -9.57 -19.69
N GLU A 582 -38.87 -9.81 -20.98
CA GLU A 582 -38.61 -8.70 -21.90
C GLU A 582 -39.88 -7.93 -22.23
N GLU A 583 -41.03 -8.60 -22.23
CA GLU A 583 -42.29 -7.89 -22.50
C GLU A 583 -42.70 -7.02 -21.31
N GLU A 584 -42.51 -7.50 -20.09
CA GLU A 584 -42.80 -6.68 -18.91
C GLU A 584 -41.94 -5.43 -18.89
N VAL A 585 -40.64 -5.59 -19.10
CA VAL A 585 -39.77 -4.42 -19.10
C VAL A 585 -40.07 -3.53 -20.30
N TYR A 586 -40.55 -4.11 -21.40
CA TYR A 586 -40.94 -3.27 -22.53
C TYR A 586 -42.17 -2.43 -22.20
N GLU A 587 -43.17 -3.02 -21.53
CA GLU A 587 -44.36 -2.24 -21.21
C GLU A 587 -44.00 -1.14 -20.21
N ALA A 588 -43.11 -1.45 -19.27
CA ALA A 588 -42.63 -0.44 -18.34
C ALA A 588 -41.93 0.68 -19.10
N ALA A 589 -41.14 0.33 -20.12
CA ALA A 589 -40.48 1.34 -20.93
C ALA A 589 -41.49 2.22 -21.66
N ARG A 590 -42.51 1.60 -22.28
CA ARG A 590 -43.49 2.37 -23.04
C ARG A 590 -44.20 3.37 -22.14
N ARG A 591 -44.67 2.92 -20.98
CA ARG A 591 -45.30 3.87 -20.04
C ARG A 591 -44.30 4.90 -19.53
N ALA A 592 -43.04 4.49 -19.33
CA ALA A 592 -41.98 5.43 -18.98
C ALA A 592 -41.63 6.39 -20.11
N ALA A 593 -42.17 6.17 -21.31
CA ALA A 593 -41.91 7.03 -22.48
C ALA A 593 -40.42 7.16 -22.75
N ILE A 594 -39.71 6.05 -22.68
CA ILE A 594 -38.26 6.03 -22.85
C ILE A 594 -37.82 5.49 -24.21
N HIS A 595 -38.75 4.95 -25.01
CA HIS A 595 -38.39 4.38 -26.30
C HIS A 595 -37.77 5.40 -27.25
N GLU A 596 -38.22 6.65 -27.19
CA GLU A 596 -37.61 7.66 -28.06
C GLU A 596 -36.12 7.82 -27.78
N THR A 597 -35.72 7.81 -26.51
CA THR A 597 -34.32 7.98 -26.14
C THR A 597 -33.56 6.66 -25.98
N ILE A 598 -34.21 5.51 -26.20
CA ILE A 598 -33.56 4.23 -25.92
C ILE A 598 -33.09 3.51 -27.18
N SER A 599 -33.60 3.87 -28.35
CA SER A 599 -33.25 3.19 -29.59
C SER A 599 -31.87 3.60 -30.10
N ASN A 600 -31.23 4.55 -29.44
CA ASN A 600 -29.91 5.04 -29.78
C ASN A 600 -28.80 4.33 -29.01
N PHE A 601 -29.15 3.33 -28.21
CA PHE A 601 -28.17 2.62 -27.40
C PHE A 601 -27.15 1.92 -28.29
N PRO A 602 -25.84 2.10 -28.05
CA PRO A 602 -24.84 1.50 -28.94
C PRO A 602 -24.89 -0.02 -28.97
N ASP A 603 -25.20 -0.67 -27.86
CA ASP A 603 -25.15 -2.13 -27.79
C ASP A 603 -26.53 -2.76 -27.95
N LYS A 604 -27.41 -2.12 -28.70
CA LYS A 604 -28.79 -2.59 -28.92
C LYS A 604 -29.51 -2.80 -27.58
N TYR A 605 -29.44 -1.80 -26.72
CA TYR A 605 -30.12 -1.71 -25.42
C TYR A 605 -29.38 -2.50 -24.34
N SER A 606 -28.18 -3.02 -24.64
CA SER A 606 -27.36 -3.67 -23.64
C SER A 606 -26.12 -2.87 -23.27
N THR A 607 -26.08 -1.58 -23.63
CA THR A 607 -24.93 -0.75 -23.33
C THR A 607 -24.65 -0.67 -21.84
N ILE A 608 -23.38 -0.82 -21.47
CA ILE A 608 -22.98 -0.71 -20.08
C ILE A 608 -23.17 0.72 -19.59
N VAL A 609 -23.57 0.87 -18.33
CA VAL A 609 -23.79 2.16 -17.70
C VAL A 609 -23.09 2.15 -16.34
N GLY A 610 -22.93 3.34 -15.77
CA GLY A 610 -22.20 3.45 -14.51
C GLY A 610 -20.79 3.96 -14.75
N GLU A 611 -19.86 3.58 -13.88
CA GLU A 611 -18.47 3.96 -14.09
C GLU A 611 -17.88 3.10 -15.19
N ARG A 612 -16.92 3.68 -15.92
CA ARG A 612 -16.38 3.07 -17.14
C ARG A 612 -17.49 2.82 -18.15
N GLY A 613 -18.37 3.81 -18.30
CA GLY A 613 -19.49 3.70 -19.20
C GLY A 613 -20.02 5.07 -19.59
N LEU A 614 -21.21 5.07 -20.16
CA LEU A 614 -21.83 6.30 -20.64
C LEU A 614 -22.43 7.06 -19.46
N LYS A 615 -21.95 8.29 -19.26
CA LYS A 615 -22.41 9.08 -18.12
C LYS A 615 -23.82 9.57 -18.36
N LEU A 616 -24.68 9.43 -17.36
CA LEU A 616 -26.09 9.79 -17.48
C LEU A 616 -26.37 11.07 -16.70
N SER A 617 -27.11 11.99 -17.32
CA SER A 617 -27.55 13.21 -16.67
C SER A 617 -28.74 12.91 -15.75
N GLY A 618 -29.09 13.90 -14.94
CA GLY A 618 -30.14 13.72 -13.94
C GLY A 618 -31.48 13.32 -14.52
N GLY A 619 -31.85 13.87 -15.68
CA GLY A 619 -33.14 13.53 -16.26
C GLY A 619 -33.29 12.06 -16.63
N GLU A 620 -32.29 11.49 -17.31
CA GLU A 620 -32.37 10.06 -17.57
C GLU A 620 -32.30 9.24 -16.29
N LYS A 621 -31.47 9.62 -15.32
CA LYS A 621 -31.41 8.87 -14.08
C LYS A 621 -32.76 8.85 -13.39
N GLN A 622 -33.48 9.97 -13.47
CA GLN A 622 -34.82 10.04 -12.88
C GLN A 622 -35.79 9.16 -13.67
N ARG A 623 -35.65 9.14 -15.00
CA ARG A 623 -36.48 8.25 -15.80
C ARG A 623 -36.22 6.79 -15.42
N VAL A 624 -34.95 6.45 -15.15
CA VAL A 624 -34.60 5.10 -14.72
C VAL A 624 -35.26 4.79 -13.38
N ALA A 625 -35.26 5.76 -12.46
CA ALA A 625 -35.91 5.53 -11.18
C ALA A 625 -37.39 5.27 -11.35
N LEU A 626 -38.04 6.05 -12.23
CA LEU A 626 -39.46 5.82 -12.52
C LEU A 626 -39.68 4.46 -13.16
N ALA A 627 -38.78 4.05 -14.06
CA ALA A 627 -38.93 2.80 -14.77
C ALA A 627 -38.40 1.62 -13.96
N ARG A 628 -37.98 1.87 -12.74
CA ARG A 628 -37.63 0.85 -11.76
C ARG A 628 -38.74 0.67 -10.75
N THR A 629 -39.36 1.76 -10.31
CA THR A 629 -40.49 1.64 -9.40
C THR A 629 -41.80 1.29 -10.10
N PHE A 630 -41.93 1.60 -11.40
CA PHE A 630 -43.13 1.17 -12.13
C PHE A 630 -43.23 -0.34 -12.22
N LEU A 631 -42.09 -1.03 -12.20
CA LEU A 631 -42.08 -2.48 -12.33
C LEU A 631 -42.69 -3.14 -11.10
N LYS A 632 -42.27 -2.70 -9.92
CA LYS A 632 -42.70 -3.25 -8.65
C LYS A 632 -44.21 -3.28 -8.48
N SER A 633 -44.92 -2.41 -9.17
CA SER A 633 -46.38 -2.32 -9.10
C SER A 633 -46.87 -2.26 -7.65
N PRO A 634 -46.39 -1.29 -6.85
CA PRO A 634 -46.72 -1.29 -5.43
C PRO A 634 -48.17 -0.94 -5.13
N ALA A 635 -48.54 -0.94 -3.84
CA ALA A 635 -49.89 -0.59 -3.42
C ALA A 635 -50.01 0.88 -3.02
N ILE A 636 -48.90 1.49 -2.60
CA ILE A 636 -48.87 2.89 -2.15
C ILE A 636 -47.56 3.50 -2.65
N LEU A 637 -47.63 4.75 -3.09
CA LEU A 637 -46.47 5.43 -3.67
C LEU A 637 -46.07 6.58 -2.77
N LEU A 638 -44.77 6.69 -2.50
CA LEU A 638 -44.22 7.77 -1.68
C LEU A 638 -43.01 8.37 -2.39
N CYS A 639 -42.94 9.69 -2.41
CA CYS A 639 -41.88 10.42 -3.10
C CYS A 639 -41.09 11.25 -2.10
N ASP A 640 -39.85 11.58 -2.48
CA ASP A 640 -38.96 12.35 -1.60
C ASP A 640 -38.24 13.44 -2.38
N GLU A 641 -38.99 14.24 -3.14
CA GLU A 641 -38.46 15.40 -3.86
C GLU A 641 -37.24 15.02 -4.70
N ALA A 642 -37.40 13.95 -5.48
CA ALA A 642 -36.32 13.39 -6.29
C ALA A 642 -35.50 14.46 -7.01
N THR A 643 -36.17 15.40 -7.68
CA THR A 643 -35.51 16.40 -8.49
C THR A 643 -35.54 17.75 -7.78
N SER A 644 -34.37 18.36 -7.62
CA SER A 644 -34.30 19.71 -7.06
C SER A 644 -34.37 20.77 -8.14
N ALA A 645 -33.63 20.60 -9.23
CA ALA A 645 -33.68 21.51 -10.38
C ALA A 645 -33.46 20.72 -11.65
N LEU A 646 -34.21 21.07 -12.70
CA LEU A 646 -34.11 20.34 -13.96
C LEU A 646 -34.62 21.20 -15.10
N ASP A 647 -34.30 20.79 -16.32
CA ASP A 647 -34.80 21.43 -17.53
C ASP A 647 -36.32 21.29 -17.61
N SER A 648 -36.98 22.36 -18.09
CA SER A 648 -38.44 22.41 -18.09
C SER A 648 -39.04 21.27 -18.91
N THR A 649 -38.44 20.95 -20.06
CA THR A 649 -39.01 19.96 -20.95
C THR A 649 -39.13 18.60 -20.27
N THR A 650 -38.05 18.15 -19.62
CA THR A 650 -38.12 16.88 -18.90
C THR A 650 -39.03 16.94 -17.67
N GLU A 651 -38.91 18.00 -16.85
CA GLU A 651 -39.73 18.11 -15.65
C GLU A 651 -41.20 17.89 -15.95
N ALA A 652 -41.75 18.68 -16.89
CA ALA A 652 -43.18 18.58 -17.19
C ALA A 652 -43.58 17.14 -17.51
N GLU A 653 -42.88 16.50 -18.45
CA GLU A 653 -43.28 15.16 -18.86
C GLU A 653 -43.11 14.14 -17.73
N ILE A 654 -42.06 14.26 -16.92
CA ILE A 654 -41.88 13.30 -15.83
C ILE A 654 -42.96 13.49 -14.78
N LEU A 655 -43.35 14.75 -14.53
CA LEU A 655 -44.47 15.01 -13.63
C LEU A 655 -45.74 14.37 -14.14
N ASN A 656 -46.00 14.48 -15.45
CA ASN A 656 -47.20 13.86 -16.01
C ASN A 656 -47.13 12.34 -15.83
N ALA A 657 -45.96 11.75 -16.11
CA ALA A 657 -45.80 10.31 -15.96
C ALA A 657 -46.05 9.86 -14.53
N LEU A 658 -45.52 10.59 -13.54
CA LEU A 658 -45.73 10.17 -12.17
C LEU A 658 -47.16 10.45 -11.70
N LYS A 659 -47.83 11.43 -12.31
CA LYS A 659 -49.24 11.62 -12.01
C LYS A 659 -50.06 10.45 -12.50
N ALA A 660 -49.77 9.99 -13.73
CA ALA A 660 -50.47 8.83 -14.28
C ALA A 660 -50.20 7.58 -13.46
N LEU A 661 -48.94 7.39 -13.03
CA LEU A 661 -48.59 6.23 -12.22
C LEU A 661 -49.32 6.24 -10.89
N ALA A 662 -49.46 7.42 -10.27
CA ALA A 662 -50.05 7.56 -8.96
C ALA A 662 -51.57 7.66 -8.97
N SER A 663 -52.21 7.58 -10.14
CA SER A 663 -53.65 7.77 -10.21
C SER A 663 -54.41 6.73 -9.41
N ASN A 664 -54.00 5.47 -9.49
CA ASN A 664 -54.73 4.39 -8.83
C ASN A 664 -54.21 4.06 -7.44
N ARG A 665 -53.14 4.70 -6.99
CA ARG A 665 -52.55 4.46 -5.69
C ARG A 665 -52.51 5.74 -4.87
N THR A 666 -52.89 5.66 -3.59
CA THR A 666 -52.74 6.81 -2.71
C THR A 666 -51.27 7.21 -2.62
N SER A 667 -51.00 8.50 -2.77
CA SER A 667 -49.64 9.00 -2.86
C SER A 667 -49.40 10.11 -1.85
N ILE A 668 -48.15 10.20 -1.38
CA ILE A 668 -47.70 11.26 -0.49
C ILE A 668 -46.43 11.85 -1.09
N PHE A 669 -46.43 13.16 -1.32
CA PHE A 669 -45.28 13.85 -1.91
C PHE A 669 -44.74 14.89 -0.95
N ILE A 670 -43.44 14.82 -0.65
CA ILE A 670 -42.76 15.84 0.14
C ILE A 670 -41.95 16.68 -0.82
N ALA A 671 -42.26 17.96 -0.91
CA ALA A 671 -41.58 18.86 -1.83
C ALA A 671 -41.17 20.11 -1.09
N HIS A 672 -39.87 20.40 -1.11
CA HIS A 672 -39.39 21.66 -0.54
C HIS A 672 -39.93 22.84 -1.34
N ARG A 673 -39.94 22.72 -2.66
CA ARG A 673 -40.50 23.74 -3.51
C ARG A 673 -42.02 23.56 -3.56
N LEU A 674 -42.73 24.68 -3.69
CA LEU A 674 -44.18 24.64 -3.64
C LEU A 674 -44.80 24.49 -5.03
N THR A 675 -44.40 25.36 -5.97
CA THR A 675 -44.96 25.31 -7.32
C THR A 675 -44.77 23.94 -7.96
N THR A 676 -43.72 23.21 -7.58
CA THR A 676 -43.45 21.91 -8.19
C THR A 676 -44.59 20.93 -7.94
N ALA A 677 -45.07 20.85 -6.70
CA ALA A 677 -46.15 19.93 -6.33
C ALA A 677 -47.33 20.72 -5.79
N MET A 678 -48.22 21.13 -6.69
CA MET A 678 -49.48 21.76 -6.30
C MET A 678 -50.69 20.90 -6.60
N GLN A 679 -50.50 19.71 -7.17
CA GLN A 679 -51.59 18.93 -7.73
C GLN A 679 -52.26 17.99 -6.72
N CYS A 680 -51.73 17.89 -5.50
CA CYS A 680 -52.35 17.05 -4.51
C CYS A 680 -53.70 17.61 -4.07
N ASP A 681 -54.49 16.76 -3.39
CA ASP A 681 -55.78 17.21 -2.89
C ASP A 681 -55.62 18.12 -1.68
N GLU A 682 -54.74 17.78 -0.75
CA GLU A 682 -54.49 18.58 0.43
C GLU A 682 -53.00 18.82 0.58
N ILE A 683 -52.65 19.84 1.35
CA ILE A 683 -51.27 20.25 1.56
C ILE A 683 -51.03 20.40 3.05
N VAL A 684 -50.02 19.71 3.56
CA VAL A 684 -49.68 19.70 4.98
C VAL A 684 -48.49 20.62 5.17
N VAL A 685 -48.72 21.82 5.71
CA VAL A 685 -47.63 22.73 6.04
C VAL A 685 -46.89 22.21 7.27
N LEU A 686 -45.56 22.15 7.18
CA LEU A 686 -44.72 21.74 8.29
C LEU A 686 -43.74 22.87 8.60
N GLU A 687 -43.79 23.38 9.83
CA GLU A 687 -42.86 24.40 10.28
C GLU A 687 -42.53 24.16 11.74
N ASN A 688 -41.25 24.27 12.08
CA ASN A 688 -40.76 23.99 13.43
C ASN A 688 -41.15 22.58 13.87
N GLY A 689 -41.12 21.64 12.93
CA GLY A 689 -41.44 20.25 13.20
C GLY A 689 -42.80 19.99 13.81
N LYS A 690 -43.85 20.64 13.30
CA LYS A 690 -45.22 20.40 13.76
C LYS A 690 -46.19 20.81 12.66
N VAL A 691 -47.37 20.22 12.71
CA VAL A 691 -48.42 20.46 11.71
C VAL A 691 -48.95 21.87 11.91
N VAL A 692 -48.86 22.69 10.87
CA VAL A 692 -49.29 24.08 10.93
C VAL A 692 -50.62 24.31 10.22
N GLU A 693 -50.74 23.84 8.97
CA GLU A 693 -51.93 24.10 8.17
C GLU A 693 -52.32 22.87 7.39
N GLN A 694 -53.63 22.64 7.27
CA GLN A 694 -54.18 21.47 6.58
C GLN A 694 -55.30 21.93 5.64
N GLY A 695 -54.99 22.15 4.37
CA GLY A 695 -56.02 22.43 3.40
C GLY A 695 -55.55 22.46 1.96
N PRO A 696 -56.50 22.67 1.03
CA PRO A 696 -56.14 23.03 -0.34
C PRO A 696 -55.37 24.33 -0.40
N HIS A 697 -54.49 24.42 -1.40
CA HIS A 697 -53.42 25.44 -1.39
C HIS A 697 -53.97 26.87 -1.46
N ASP A 698 -55.14 27.06 -2.07
CA ASP A 698 -55.61 28.42 -2.34
C ASP A 698 -55.88 29.19 -1.05
N GLU A 699 -56.62 28.59 -0.12
CA GLU A 699 -56.80 29.29 1.15
C GLU A 699 -55.53 29.25 2.01
N LEU A 700 -54.57 28.40 1.68
CA LEU A 700 -53.27 28.49 2.34
C LEU A 700 -52.55 29.76 1.92
N LEU A 701 -52.59 30.08 0.63
CA LEU A 701 -52.08 31.37 0.16
C LEU A 701 -52.87 32.51 0.78
N GLY A 702 -54.18 32.33 0.94
CA GLY A 702 -55.02 33.37 1.49
C GLY A 702 -55.04 33.47 3.00
N LYS A 703 -54.33 32.57 3.69
CA LYS A 703 -54.20 32.61 5.14
C LYS A 703 -52.97 33.37 5.62
N SER A 704 -52.20 33.94 4.69
CA SER A 704 -50.92 34.59 5.00
C SER A 704 -50.02 33.70 5.84
N GLY A 705 -50.11 32.38 5.64
CA GLY A 705 -49.36 31.42 6.42
C GLY A 705 -48.01 31.12 5.81
N ARG A 706 -47.34 30.14 6.41
CA ARG A 706 -46.04 29.70 5.89
C ARG A 706 -46.10 29.38 4.41
N TYR A 707 -47.10 28.61 4.01
CA TYR A 707 -47.24 28.22 2.60
C TYR A 707 -47.36 29.46 1.72
N ALA A 708 -48.10 30.48 2.17
CA ALA A 708 -48.31 31.68 1.37
C ALA A 708 -47.00 32.39 1.07
N GLN A 709 -46.16 32.59 2.10
CA GLN A 709 -44.89 33.26 1.87
C GLN A 709 -43.96 32.40 1.04
N LEU A 710 -43.92 31.09 1.33
CA LEU A 710 -42.99 30.23 0.61
C LEU A 710 -43.31 30.23 -0.88
N TRP A 711 -44.59 30.07 -1.24
CA TRP A 711 -44.97 30.07 -2.65
C TRP A 711 -44.76 31.44 -3.28
N THR A 712 -45.15 32.51 -2.56
CA THR A 712 -45.01 33.85 -3.12
C THR A 712 -43.56 34.25 -3.31
N GLN A 713 -42.63 33.57 -2.62
CA GLN A 713 -41.22 33.79 -2.86
C GLN A 713 -40.63 32.81 -3.86
N GLN A 714 -41.27 31.65 -4.06
CA GLN A 714 -40.86 30.75 -5.13
C GLN A 714 -41.18 31.34 -6.50
N ASN A 715 -42.35 31.95 -6.65
CA ASN A 715 -42.61 32.66 -7.90
C ASN A 715 -42.08 34.09 -7.90
N SER A 716 -42.22 34.80 -6.78
CA SER A 716 -41.82 36.20 -6.67
C SER A 716 -42.33 37.06 -7.80
N ALA B 117 18.56 -4.62 -26.18
CA ALA B 117 18.51 -3.48 -25.28
C ALA B 117 19.92 -3.03 -24.90
N MET B 118 20.67 -2.60 -25.92
CA MET B 118 22.03 -2.11 -25.73
C MET B 118 22.08 -1.03 -24.65
N ALA B 119 21.07 -0.16 -24.63
CA ALA B 119 21.01 0.87 -23.59
C ALA B 119 20.95 0.28 -22.19
N ASP B 120 20.48 -0.96 -22.02
CA ASP B 120 20.47 -1.54 -20.67
C ASP B 120 21.89 -1.83 -20.20
N MET B 121 22.72 -2.40 -21.08
CA MET B 121 24.13 -2.56 -20.75
C MET B 121 24.77 -1.20 -20.51
N LYS B 122 24.40 -0.19 -21.31
CA LYS B 122 24.92 1.15 -21.06
C LYS B 122 24.55 1.64 -19.67
N ILE B 123 23.33 1.34 -19.22
CA ILE B 123 22.89 1.74 -17.88
C ILE B 123 23.74 1.05 -16.82
N LEU B 124 24.01 -0.24 -17.02
CA LEU B 124 24.95 -0.94 -16.13
C LEU B 124 26.30 -0.24 -16.11
N ARG B 125 26.76 0.21 -17.28
CA ARG B 125 28.03 0.93 -17.35
C ARG B 125 27.97 2.21 -16.51
N THR B 126 26.86 2.94 -16.62
CA THR B 126 26.70 4.15 -15.80
C THR B 126 26.72 3.81 -14.32
N LEU B 127 26.11 2.68 -13.95
CA LEU B 127 26.10 2.30 -12.54
C LEU B 127 27.50 2.01 -12.05
N ALA B 128 28.28 1.28 -12.84
CA ALA B 128 29.68 1.06 -12.48
C ALA B 128 30.44 2.37 -12.40
N GLY B 129 30.18 3.29 -13.34
CA GLY B 129 30.82 4.59 -13.30
C GLY B 129 30.55 5.35 -12.00
N TYR B 130 29.31 5.32 -11.52
CA TYR B 130 29.00 6.00 -10.27
C TYR B 130 29.48 5.25 -9.04
N LEU B 131 29.50 3.91 -9.10
CA LEU B 131 29.84 3.11 -7.93
C LEU B 131 31.28 3.35 -7.47
N TRP B 132 32.20 3.45 -8.42
CA TRP B 132 33.63 3.54 -8.11
C TRP B 132 34.02 5.01 -7.90
N MET B 133 34.41 5.34 -6.68
CA MET B 133 34.92 6.68 -6.33
C MET B 133 36.43 6.58 -6.19
N ARG B 134 37.14 6.88 -7.28
CA ARG B 134 38.60 6.85 -7.24
C ARG B 134 39.15 7.90 -6.27
N ASP B 135 38.52 9.07 -6.22
CA ASP B 135 38.94 10.20 -5.39
C ASP B 135 39.41 9.83 -4.00
N ASN B 136 38.72 8.89 -3.33
CA ASN B 136 39.02 8.57 -1.94
C ASN B 136 39.65 7.18 -1.82
N PRO B 137 40.84 7.09 -1.22
CA PRO B 137 41.49 5.78 -1.03
C PRO B 137 40.71 4.81 -0.14
N GLU B 138 40.02 5.30 0.89
CA GLU B 138 39.38 4.41 1.85
C GLU B 138 38.34 3.51 1.17
N PHE B 139 37.62 4.04 0.18
CA PHE B 139 36.54 3.28 -0.44
C PHE B 139 37.06 1.97 -1.02
N ARG B 140 38.19 2.04 -1.74
CA ARG B 140 38.73 0.83 -2.37
C ARG B 140 39.10 -0.18 -1.30
N PHE B 141 39.70 0.29 -0.20
CA PHE B 141 40.11 -0.63 0.86
C PHE B 141 38.90 -1.34 1.43
N ARG B 142 37.83 -0.58 1.68
CA ARG B 142 36.59 -1.18 2.15
C ARG B 142 36.13 -2.29 1.21
N VAL B 143 36.09 -2.00 -0.09
CA VAL B 143 35.60 -2.98 -1.07
C VAL B 143 36.48 -4.22 -1.03
N ILE B 144 37.79 -4.03 -0.86
CA ILE B 144 38.72 -5.15 -0.87
C ILE B 144 38.48 -6.04 0.34
N ALA B 145 38.37 -5.41 1.52
CA ALA B 145 38.02 -6.15 2.74
C ALA B 145 36.76 -6.98 2.53
N ALA B 146 35.72 -6.34 1.98
CA ALA B 146 34.47 -7.05 1.66
C ALA B 146 34.74 -8.31 0.85
N LEU B 147 35.47 -8.17 -0.27
CA LEU B 147 35.76 -9.33 -1.10
C LEU B 147 36.50 -10.40 -0.33
N GLY B 148 37.48 -10.01 0.49
CA GLY B 148 38.18 -10.98 1.32
C GLY B 148 37.22 -11.74 2.21
N PHE B 149 36.29 -11.03 2.84
CA PHE B 149 35.35 -11.66 3.75
C PHE B 149 34.31 -12.47 3.00
N LEU B 150 34.27 -12.35 1.68
CA LEU B 150 33.41 -13.17 0.83
C LEU B 150 34.11 -14.44 0.39
N VAL B 151 35.43 -14.40 0.28
CA VAL B 151 36.20 -15.59 -0.07
C VAL B 151 36.43 -16.49 1.14
N GLY B 152 36.90 -15.90 2.25
CA GLY B 152 37.24 -16.69 3.41
C GLY B 152 36.10 -17.56 3.90
N ALA B 153 34.92 -16.95 4.07
CA ALA B 153 33.74 -17.70 4.46
C ALA B 153 33.51 -18.88 3.53
N LYS B 154 33.52 -18.61 2.21
CA LYS B 154 33.15 -19.65 1.25
C LYS B 154 34.21 -20.71 1.12
N VAL B 155 35.39 -20.55 1.74
CA VAL B 155 36.35 -21.66 1.78
C VAL B 155 36.33 -22.38 3.11
N LEU B 156 35.92 -21.71 4.19
CA LEU B 156 35.67 -22.44 5.43
C LEU B 156 34.45 -23.35 5.30
N ASN B 157 33.45 -22.93 4.52
CA ASN B 157 32.26 -23.75 4.39
C ASN B 157 32.51 -25.00 3.56
N VAL B 158 33.69 -25.12 2.95
CA VAL B 158 34.08 -26.34 2.25
C VAL B 158 35.08 -27.08 3.13
N GLN B 159 35.77 -26.34 4.01
CA GLN B 159 36.57 -27.05 5.01
C GLN B 159 35.68 -27.88 5.92
N VAL B 160 34.43 -27.48 6.11
CA VAL B 160 33.55 -28.15 7.08
C VAL B 160 33.36 -29.64 6.76
N PRO B 161 32.95 -30.03 5.54
CA PRO B 161 32.82 -31.46 5.27
C PRO B 161 34.15 -32.17 5.13
N PHE B 162 35.22 -31.46 4.76
CA PHE B 162 36.51 -32.15 4.75
C PHE B 162 36.89 -32.55 6.18
N LEU B 163 36.63 -31.66 7.14
CA LEU B 163 36.75 -32.02 8.55
C LEU B 163 35.79 -33.14 8.95
N PHE B 164 34.67 -33.29 8.25
CA PHE B 164 33.82 -34.44 8.58
C PHE B 164 34.22 -35.70 7.86
N LYS B 165 35.11 -35.60 6.87
CA LYS B 165 35.70 -36.81 6.32
C LYS B 165 36.85 -37.25 7.20
N LEU B 166 37.65 -36.28 7.65
CA LEU B 166 38.80 -36.58 8.50
C LEU B 166 38.33 -37.17 9.82
N ALA B 167 37.19 -36.71 10.34
CA ALA B 167 36.78 -37.23 11.65
C ALA B 167 36.06 -38.57 11.55
N VAL B 168 35.49 -38.89 10.38
CA VAL B 168 34.91 -40.21 10.20
C VAL B 168 36.01 -41.27 10.20
N ASP B 169 37.14 -40.94 9.59
CA ASP B 169 38.34 -41.76 9.66
C ASP B 169 39.01 -41.55 11.01
N TRP B 170 39.96 -42.44 11.32
CA TRP B 170 40.67 -42.50 12.59
C TRP B 170 39.71 -43.02 13.65
N LEU B 171 38.46 -42.56 13.61
CA LEU B 171 37.43 -43.12 14.49
C LEU B 171 37.18 -44.58 14.09
N ALA B 172 37.16 -44.85 12.78
CA ALA B 172 36.98 -46.20 12.28
C ALA B 172 38.23 -47.03 12.49
N SER B 173 39.40 -46.41 12.38
CA SER B 173 40.66 -47.13 12.56
C SER B 173 40.71 -47.86 13.89
N ALA B 174 40.25 -47.21 14.97
CA ALA B 174 40.16 -47.87 16.26
C ALA B 174 38.80 -48.52 16.46
N THR B 175 38.82 -49.75 17.00
CA THR B 175 37.66 -50.61 17.25
C THR B 175 37.11 -51.17 15.95
N GLY B 176 37.10 -50.36 14.90
CA GLY B 176 36.68 -50.77 13.58
C GLY B 176 37.60 -51.78 12.92
N THR B 177 38.79 -51.98 13.48
CA THR B 177 39.85 -52.84 12.96
C THR B 177 40.50 -52.25 11.71
N GLY B 178 40.37 -50.95 11.52
CA GLY B 178 41.01 -50.30 10.39
C GLY B 178 42.52 -50.31 10.54
N ALA B 179 43.22 -50.46 9.41
CA ALA B 179 44.68 -50.54 9.43
C ALA B 179 45.28 -49.31 10.09
N SER B 180 45.87 -49.49 11.27
CA SER B 180 46.50 -48.39 11.99
C SER B 180 47.87 -48.02 11.43
N LEU B 181 48.46 -48.88 10.61
CA LEU B 181 49.79 -48.66 10.08
C LEU B 181 49.80 -47.81 8.82
N THR B 182 48.67 -47.20 8.46
CA THR B 182 48.61 -46.34 7.29
C THR B 182 49.37 -45.02 7.51
N THR B 183 49.96 -44.86 8.69
CA THR B 183 50.65 -43.63 9.10
C THR B 183 49.78 -42.42 8.81
N PHE B 184 50.32 -41.46 8.05
CA PHE B 184 49.56 -40.29 7.63
C PHE B 184 49.67 -40.21 6.10
N ALA B 185 48.78 -40.93 5.43
CA ALA B 185 48.80 -41.05 3.98
C ALA B 185 48.84 -39.70 3.26
N ALA B 186 47.81 -38.88 3.46
CA ALA B 186 47.70 -37.62 2.71
C ALA B 186 48.87 -36.69 2.98
N THR B 187 49.23 -36.52 4.25
CA THR B 187 50.31 -35.68 4.74
C THR B 187 50.01 -34.19 4.55
N ASN B 188 48.80 -33.84 4.11
CA ASN B 188 48.42 -32.44 4.01
C ASN B 188 48.10 -31.91 5.41
N PRO B 189 47.40 -32.69 6.27
CA PRO B 189 47.12 -32.17 7.63
C PRO B 189 48.17 -32.58 8.65
N THR B 190 49.42 -32.79 8.21
CA THR B 190 50.48 -33.25 9.11
C THR B 190 50.70 -32.31 10.30
N LEU B 191 50.04 -31.15 10.33
CA LEU B 191 50.20 -30.26 11.45
C LEU B 191 49.56 -30.89 12.68
N LEU B 192 50.16 -30.66 13.84
CA LEU B 192 49.67 -31.25 15.09
C LEU B 192 48.29 -30.73 15.46
N THR B 193 47.73 -29.82 14.67
CA THR B 193 46.41 -29.31 14.94
C THR B 193 45.38 -30.43 14.82
N VAL B 194 44.39 -30.39 15.72
CA VAL B 194 43.22 -31.28 15.80
C VAL B 194 43.62 -32.76 15.76
N PHE B 195 44.74 -33.12 16.39
CA PHE B 195 45.19 -34.50 16.43
C PHE B 195 45.46 -34.96 17.86
N ALA B 196 44.89 -34.28 18.85
CA ALA B 196 45.09 -34.67 20.23
C ALA B 196 44.26 -35.90 20.58
N THR B 197 43.06 -35.98 20.02
CA THR B 197 42.09 -37.05 20.19
C THR B 197 40.94 -36.77 19.22
N PRO B 198 40.18 -37.78 18.79
CA PRO B 198 39.12 -37.50 17.81
C PRO B 198 38.15 -36.42 18.24
N ALA B 199 37.84 -36.32 19.54
CA ALA B 199 36.93 -35.28 20.01
C ALA B 199 37.38 -33.90 19.52
N ALA B 200 38.69 -33.71 19.41
CA ALA B 200 39.22 -32.42 18.96
C ALA B 200 38.74 -32.10 17.56
N VAL B 201 38.70 -33.11 16.68
CA VAL B 201 38.31 -32.85 15.30
C VAL B 201 36.86 -32.40 15.24
N LEU B 202 36.00 -33.02 16.06
CA LEU B 202 34.59 -32.65 16.12
C LEU B 202 34.42 -31.21 16.61
N ILE B 203 35.16 -30.86 17.67
CA ILE B 203 35.17 -29.47 18.13
C ILE B 203 35.64 -28.53 17.02
N GLY B 204 36.67 -28.93 16.28
CA GLY B 204 37.13 -28.13 15.16
C GLY B 204 36.08 -27.99 14.08
N TYR B 205 35.32 -29.06 13.83
CA TYR B 205 34.21 -29.00 12.88
C TYR B 205 33.22 -27.92 13.27
N GLY B 206 32.79 -27.93 14.54
CA GLY B 206 31.85 -26.93 14.99
C GLY B 206 32.41 -25.52 14.91
N ILE B 207 33.66 -25.34 15.36
CA ILE B 207 34.28 -24.02 15.35
C ILE B 207 34.44 -23.51 13.93
N ALA B 208 34.88 -24.39 13.01
CA ALA B 208 35.03 -24.03 11.61
C ALA B 208 33.74 -23.53 11.01
N ARG B 209 32.68 -24.36 11.06
CA ARG B 209 31.42 -23.93 10.47
C ARG B 209 30.91 -22.64 11.10
N THR B 210 30.97 -22.52 12.43
CA THR B 210 30.54 -21.27 13.06
C THR B 210 31.35 -20.08 12.54
N GLY B 211 32.65 -20.26 12.35
CA GLY B 211 33.48 -19.16 11.89
C GLY B 211 33.18 -18.79 10.45
N SER B 212 32.86 -19.78 9.63
CA SER B 212 32.44 -19.50 8.26
C SER B 212 31.18 -18.64 8.26
N SER B 213 30.17 -19.05 9.04
CA SER B 213 28.96 -18.25 9.11
C SER B 213 29.20 -16.88 9.73
N ALA B 214 30.27 -16.73 10.50
CA ALA B 214 30.62 -15.41 11.02
C ALA B 214 31.22 -14.53 9.94
N PHE B 215 32.26 -15.03 9.27
CA PHE B 215 32.89 -14.28 8.18
C PHE B 215 31.82 -13.83 7.18
N ASN B 216 31.01 -14.78 6.70
CA ASN B 216 30.01 -14.46 5.70
C ASN B 216 29.02 -13.43 6.20
N GLU B 217 28.54 -13.56 7.44
CA GLU B 217 27.61 -12.56 7.95
C GLU B 217 28.28 -11.20 8.08
N LEU B 218 29.54 -11.16 8.50
CA LEU B 218 30.29 -9.91 8.66
C LEU B 218 30.39 -9.16 7.33
N ARG B 219 30.55 -9.91 6.23
CA ARG B 219 30.69 -9.25 4.93
C ARG B 219 29.52 -8.32 4.67
N THR B 220 28.31 -8.73 5.08
CA THR B 220 27.12 -7.93 4.80
C THR B 220 27.21 -6.58 5.50
N ALA B 221 27.67 -6.59 6.76
CA ALA B 221 27.82 -5.37 7.52
C ALA B 221 28.85 -4.47 6.86
N VAL B 222 29.97 -5.06 6.42
CA VAL B 222 31.02 -4.24 5.81
C VAL B 222 30.52 -3.61 4.50
N PHE B 223 29.67 -4.31 3.75
CA PHE B 223 29.26 -3.82 2.42
C PHE B 223 28.00 -2.95 2.46
N SER B 224 27.28 -2.90 3.57
CA SER B 224 26.11 -2.03 3.61
C SER B 224 26.49 -0.57 3.86
N LYS B 225 27.55 -0.32 4.64
CA LYS B 225 28.02 1.05 4.80
C LYS B 225 28.54 1.64 3.49
N VAL B 226 28.75 0.80 2.48
CA VAL B 226 29.07 1.24 1.13
C VAL B 226 27.80 1.45 0.29
N ALA B 227 26.88 0.48 0.37
CA ALA B 227 25.64 0.60 -0.40
C ALA B 227 24.88 1.87 -0.03
N LEU B 228 24.68 2.10 1.27
CA LEU B 228 23.99 3.32 1.71
C LEU B 228 24.64 4.58 1.17
N ARG B 229 25.97 4.65 1.19
CA ARG B 229 26.67 5.84 0.70
C ARG B 229 26.43 6.02 -0.79
N THR B 230 26.41 4.92 -1.55
CA THR B 230 26.15 5.01 -2.97
C THR B 230 24.75 5.57 -3.23
N ILE B 231 23.75 4.97 -2.58
CA ILE B 231 22.37 5.44 -2.72
C ILE B 231 22.30 6.93 -2.39
N ARG B 232 22.97 7.35 -1.31
CA ARG B 232 22.90 8.75 -0.91
C ARG B 232 23.46 9.66 -1.99
N SER B 233 24.60 9.28 -2.57
CA SER B 233 25.21 10.18 -3.54
C SER B 233 24.35 10.30 -4.78
N VAL B 234 23.77 9.18 -5.22
CA VAL B 234 22.95 9.24 -6.41
C VAL B 234 21.70 10.07 -6.15
N SER B 235 21.06 9.86 -5.01
CA SER B 235 19.84 10.62 -4.69
C SER B 235 20.12 12.12 -4.57
N ARG B 236 21.21 12.50 -3.90
CA ARG B 236 21.51 13.92 -3.76
C ARG B 236 21.79 14.56 -5.11
N LYS B 237 22.55 13.87 -5.97
CA LYS B 237 22.85 14.42 -7.27
C LYS B 237 21.57 14.59 -8.08
N VAL B 238 20.68 13.60 -8.04
CA VAL B 238 19.43 13.69 -8.79
C VAL B 238 18.59 14.85 -8.27
N PHE B 239 18.52 15.02 -6.96
CA PHE B 239 17.78 16.13 -6.36
C PHE B 239 18.27 17.47 -6.92
N SER B 240 19.59 17.68 -6.86
CA SER B 240 20.11 18.97 -7.31
C SER B 240 19.86 19.17 -8.80
N HIS B 241 20.08 18.13 -9.60
CA HIS B 241 19.80 18.27 -11.04
C HIS B 241 18.34 18.59 -11.26
N LEU B 242 17.45 18.05 -10.42
CA LEU B 242 16.02 18.29 -10.57
C LEU B 242 15.73 19.77 -10.38
N HIS B 243 16.23 20.35 -9.28
CA HIS B 243 15.97 21.77 -9.05
C HIS B 243 16.59 22.62 -10.15
N ASP B 244 17.74 22.20 -10.70
CA ASP B 244 18.35 22.95 -11.79
C ASP B 244 17.46 23.01 -13.03
N LEU B 245 16.62 22.00 -13.25
CA LEU B 245 15.78 21.91 -14.45
C LEU B 245 14.81 23.08 -14.57
N ASP B 246 14.49 23.43 -15.81
CA ASP B 246 13.63 24.58 -16.12
C ASP B 246 12.19 24.32 -15.70
N LEU B 247 11.43 25.43 -15.60
CA LEU B 247 10.06 25.37 -15.13
C LEU B 247 9.15 24.50 -16.00
N ARG B 248 9.38 24.50 -17.32
CA ARG B 248 8.47 23.77 -18.21
C ARG B 248 8.41 22.29 -17.85
N TYR B 249 9.55 21.70 -17.55
CA TYR B 249 9.60 20.28 -17.19
C TYR B 249 8.78 20.03 -15.93
N HIS B 250 8.94 20.89 -14.92
CA HIS B 250 8.24 20.69 -13.66
C HIS B 250 6.72 20.82 -13.86
N LEU B 251 6.30 21.82 -14.65
CA LEU B 251 4.87 22.04 -14.87
C LEU B 251 4.21 20.86 -15.58
N SER B 252 4.86 20.31 -16.61
CA SER B 252 4.23 19.22 -17.36
C SER B 252 4.12 17.95 -16.51
N ARG B 253 5.18 17.61 -15.78
CA ARG B 253 5.16 16.36 -15.03
C ARG B 253 4.32 16.48 -13.77
N GLU B 254 3.70 15.36 -13.39
CA GLU B 254 2.91 15.23 -12.17
C GLU B 254 3.80 15.13 -10.94
N THR B 255 3.39 15.82 -9.87
CA THR B 255 4.18 15.90 -8.65
C THR B 255 4.38 14.52 -8.02
N GLY B 256 3.33 13.70 -8.01
CA GLY B 256 3.43 12.36 -7.44
C GLY B 256 4.43 11.49 -8.18
N GLY B 257 4.50 11.66 -9.50
CA GLY B 257 5.38 10.82 -10.29
C GLY B 257 6.84 10.97 -9.88
N LEU B 258 7.27 12.21 -9.61
CA LEU B 258 8.67 12.40 -9.27
C LEU B 258 9.02 11.63 -8.01
N ASN B 259 8.12 11.69 -7.01
CA ASN B 259 8.31 10.92 -5.78
C ASN B 259 8.46 9.45 -6.12
N ARG B 260 7.45 8.90 -6.79
CA ARG B 260 7.46 7.48 -7.12
C ARG B 260 8.78 7.09 -7.79
N ILE B 261 9.25 7.93 -8.74
CA ILE B 261 10.47 7.62 -9.49
C ILE B 261 11.66 7.55 -8.56
N ILE B 262 11.81 8.54 -7.68
CA ILE B 262 13.00 8.57 -6.83
C ILE B 262 12.98 7.41 -5.84
N ASP B 263 11.84 7.19 -5.20
CA ASP B 263 11.78 6.15 -4.17
C ASP B 263 11.98 4.78 -4.78
N ARG B 264 11.28 4.49 -5.89
CA ARG B 264 11.42 3.17 -6.50
C ARG B 264 12.83 2.97 -7.04
N GLY B 265 13.43 4.00 -7.63
CA GLY B 265 14.78 3.84 -8.14
C GLY B 265 15.79 3.57 -7.04
N SER B 266 15.72 4.31 -5.94
CA SER B 266 16.66 4.08 -4.85
C SER B 266 16.48 2.68 -4.27
N ARG B 267 15.22 2.26 -4.08
CA ARG B 267 14.99 0.90 -3.60
C ARG B 267 15.53 -0.12 -4.59
N ALA B 268 15.35 0.13 -5.88
CA ALA B 268 15.82 -0.81 -6.89
C ALA B 268 17.33 -0.93 -6.83
N ILE B 269 18.02 0.20 -6.65
CA ILE B 269 19.48 0.16 -6.62
C ILE B 269 19.94 -0.67 -5.44
N ASN B 270 19.29 -0.46 -4.28
CA ASN B 270 19.66 -1.21 -3.09
C ASN B 270 19.41 -2.69 -3.30
N PHE B 271 18.25 -3.03 -3.88
CA PHE B 271 17.90 -4.43 -4.05
C PHE B 271 18.85 -5.11 -5.01
N ILE B 272 19.16 -4.46 -6.14
CA ILE B 272 20.00 -5.11 -7.13
C ILE B 272 21.40 -5.33 -6.59
N LEU B 273 21.96 -4.32 -5.90
CA LEU B 273 23.32 -4.50 -5.38
C LEU B 273 23.34 -5.60 -4.32
N SER B 274 22.37 -5.61 -3.41
CA SER B 274 22.35 -6.67 -2.40
C SER B 274 22.14 -8.03 -3.04
N ALA B 275 21.24 -8.10 -4.03
CA ALA B 275 20.89 -9.37 -4.64
C ALA B 275 22.09 -9.96 -5.34
N MET B 276 22.88 -9.12 -6.00
CA MET B 276 23.99 -9.65 -6.78
C MET B 276 25.13 -10.02 -5.86
N VAL B 277 25.56 -9.08 -5.02
CA VAL B 277 26.74 -9.28 -4.19
C VAL B 277 26.53 -10.44 -3.23
N PHE B 278 25.33 -10.54 -2.64
CA PHE B 278 25.07 -11.53 -1.61
C PHE B 278 24.53 -12.85 -2.15
N ASN B 279 24.03 -12.90 -3.39
CA ASN B 279 23.45 -14.13 -3.90
C ASN B 279 24.13 -14.65 -5.16
N VAL B 280 24.20 -13.84 -6.23
CA VAL B 280 24.70 -14.37 -7.49
C VAL B 280 26.15 -14.79 -7.38
N VAL B 281 26.99 -13.95 -6.79
CA VAL B 281 28.42 -14.22 -6.71
C VAL B 281 28.71 -15.41 -5.80
N PRO B 282 28.21 -15.44 -4.55
CA PRO B 282 28.45 -16.63 -3.72
C PRO B 282 27.99 -17.94 -4.34
N THR B 283 26.83 -17.96 -5.01
CA THR B 283 26.32 -19.20 -5.59
C THR B 283 27.27 -19.74 -6.66
N ILE B 284 27.87 -18.85 -7.43
CA ILE B 284 28.69 -19.28 -8.56
C ILE B 284 30.10 -19.60 -8.10
N LEU B 285 30.62 -18.84 -7.13
CA LEU B 285 31.89 -19.23 -6.54
C LEU B 285 31.78 -20.60 -5.90
N GLU B 286 30.69 -20.84 -5.15
CA GLU B 286 30.46 -22.14 -4.54
C GLU B 286 30.43 -23.25 -5.59
N ILE B 287 29.56 -23.12 -6.59
CA ILE B 287 29.43 -24.18 -7.59
C ILE B 287 30.74 -24.42 -8.33
N SER B 288 31.41 -23.33 -8.76
CA SER B 288 32.65 -23.48 -9.51
C SER B 288 33.72 -24.16 -8.69
N MET B 289 33.87 -23.75 -7.42
CA MET B 289 34.89 -24.36 -6.57
C MET B 289 34.57 -25.83 -6.32
N VAL B 290 33.32 -26.14 -6.00
CA VAL B 290 32.95 -27.52 -5.70
C VAL B 290 33.26 -28.41 -6.91
N SER B 291 32.83 -27.98 -8.10
CA SER B 291 33.17 -28.76 -9.28
C SER B 291 34.67 -28.74 -9.54
N GLY B 292 35.39 -27.74 -9.03
CA GLY B 292 36.81 -27.59 -9.20
C GLY B 292 37.63 -28.39 -8.23
N ILE B 293 36.95 -29.17 -7.39
CA ILE B 293 37.64 -30.02 -6.41
C ILE B 293 38.01 -31.29 -7.16
N LEU B 294 37.89 -31.25 -8.49
CA LEU B 294 38.19 -32.38 -9.36
C LEU B 294 39.62 -32.87 -9.26
N ALA B 295 40.53 -32.06 -8.72
CA ALA B 295 41.91 -32.52 -8.56
C ALA B 295 42.00 -33.72 -7.63
N TYR B 296 41.20 -33.73 -6.56
CA TYR B 296 41.30 -34.76 -5.53
C TYR B 296 40.00 -35.55 -5.44
N LYS B 297 40.13 -36.88 -5.39
CA LYS B 297 39.01 -37.80 -5.17
C LYS B 297 37.89 -37.58 -6.21
N PHE B 298 38.28 -37.47 -7.47
CA PHE B 298 37.29 -37.18 -8.49
C PHE B 298 37.73 -37.75 -9.83
N GLY B 299 36.76 -37.83 -10.75
CA GLY B 299 37.04 -38.21 -12.11
C GLY B 299 36.39 -37.22 -13.05
N ALA B 300 36.89 -37.21 -14.29
CA ALA B 300 36.40 -36.23 -15.26
C ALA B 300 34.90 -36.40 -15.51
N ALA B 301 34.46 -37.64 -15.71
CA ALA B 301 33.04 -37.89 -15.93
C ALA B 301 32.20 -37.50 -14.72
N PHE B 302 32.68 -37.80 -13.51
CA PHE B 302 31.90 -37.57 -12.30
C PHE B 302 31.62 -36.08 -12.09
N ALA B 303 32.59 -35.21 -12.38
CA ALA B 303 32.42 -33.78 -12.16
C ALA B 303 31.29 -33.19 -12.99
N TRP B 304 31.17 -33.61 -14.25
CA TRP B 304 30.16 -33.02 -15.14
C TRP B 304 28.74 -33.29 -14.66
N ILE B 305 28.50 -34.43 -14.03
CA ILE B 305 27.14 -34.82 -13.66
C ILE B 305 26.51 -33.79 -12.72
N THR B 306 27.26 -33.33 -11.71
CA THR B 306 26.71 -32.34 -10.78
C THR B 306 26.42 -31.02 -11.47
N SER B 307 27.30 -30.57 -12.36
CA SER B 307 27.07 -29.31 -13.06
C SER B 307 25.83 -29.41 -13.95
N LEU B 308 25.68 -30.54 -14.64
CA LEU B 308 24.50 -30.72 -15.48
C LEU B 308 23.24 -30.73 -14.62
N SER B 309 23.30 -31.40 -13.48
CA SER B 309 22.16 -31.47 -12.58
C SER B 309 21.73 -30.07 -12.13
N VAL B 310 22.68 -29.29 -11.61
CA VAL B 310 22.33 -27.96 -11.09
C VAL B 310 21.85 -27.06 -12.23
N GLY B 311 22.45 -27.18 -13.42
CA GLY B 311 21.98 -26.38 -14.54
C GLY B 311 20.55 -26.72 -14.94
N SER B 312 20.21 -28.01 -14.96
CA SER B 312 18.84 -28.40 -15.24
C SER B 312 17.90 -27.89 -14.16
N TYR B 313 18.33 -27.94 -12.90
CA TYR B 313 17.49 -27.48 -11.80
C TYR B 313 17.19 -25.99 -11.92
N ILE B 314 18.21 -25.19 -12.24
CA ILE B 314 18.01 -23.75 -12.37
C ILE B 314 17.10 -23.46 -13.56
N VAL B 315 17.27 -24.21 -14.65
CA VAL B 315 16.45 -23.95 -15.83
C VAL B 315 14.99 -24.28 -15.52
N PHE B 316 14.75 -25.39 -14.84
CA PHE B 316 13.38 -25.80 -14.54
C PHE B 316 12.70 -24.76 -13.66
N THR B 317 13.37 -24.33 -12.58
CA THR B 317 12.72 -23.40 -11.67
C THR B 317 12.45 -22.06 -12.37
N LEU B 318 13.41 -21.57 -13.16
CA LEU B 318 13.21 -20.29 -13.82
C LEU B 318 12.06 -20.38 -14.81
N ALA B 319 12.01 -21.46 -15.59
CA ALA B 319 10.95 -21.58 -16.59
C ALA B 319 9.57 -21.66 -15.92
N VAL B 320 9.44 -22.46 -14.85
CA VAL B 320 8.13 -22.63 -14.24
C VAL B 320 7.69 -21.41 -13.44
N THR B 321 8.61 -20.49 -13.14
CA THR B 321 8.16 -19.30 -12.42
C THR B 321 7.33 -18.41 -13.33
N GLN B 322 7.74 -18.26 -14.59
CA GLN B 322 6.96 -17.51 -15.57
C GLN B 322 5.51 -17.99 -15.55
N TRP B 323 5.31 -19.31 -15.58
CA TRP B 323 3.97 -19.88 -15.58
C TRP B 323 3.24 -19.51 -14.30
N ARG B 324 3.94 -19.54 -13.16
CA ARG B 324 3.31 -19.20 -11.87
C ARG B 324 2.77 -17.77 -11.86
N THR B 325 3.51 -16.86 -12.50
CA THR B 325 3.12 -15.45 -12.47
C THR B 325 1.74 -15.22 -13.07
N LYS B 326 1.40 -15.93 -14.14
CA LYS B 326 0.08 -15.73 -14.76
C LYS B 326 -1.05 -16.05 -13.79
N PHE B 327 -0.92 -17.16 -13.05
CA PHE B 327 -1.93 -17.51 -12.07
C PHE B 327 -1.99 -16.47 -10.97
N ARG B 328 -0.83 -15.97 -10.53
CA ARG B 328 -0.85 -14.97 -9.46
C ARG B 328 -1.61 -13.72 -9.92
N LYS B 329 -1.36 -13.30 -11.17
CA LYS B 329 -2.06 -12.11 -11.68
C LYS B 329 -3.56 -12.35 -11.77
N ALA B 330 -3.97 -13.53 -12.23
CA ALA B 330 -5.39 -13.85 -12.30
C ALA B 330 -6.02 -13.79 -10.91
N MET B 331 -5.30 -14.28 -9.90
CA MET B 331 -5.83 -14.28 -8.54
C MET B 331 -5.98 -12.85 -8.02
N ASN B 332 -4.97 -12.00 -8.27
CA ASN B 332 -5.06 -10.62 -7.82
C ASN B 332 -6.23 -9.89 -8.49
N LYS B 333 -6.40 -10.11 -9.80
CA LYS B 333 -7.54 -9.55 -10.51
C LYS B 333 -8.86 -9.97 -9.86
N ALA B 334 -9.04 -11.27 -9.64
CA ALA B 334 -10.31 -11.75 -9.08
C ALA B 334 -10.54 -11.19 -7.68
N ASP B 335 -9.49 -11.14 -6.85
CA ASP B 335 -9.64 -10.63 -5.49
C ASP B 335 -10.06 -9.17 -5.50
N ASN B 336 -9.40 -8.35 -6.35
CA ASN B 336 -9.77 -6.95 -6.42
C ASN B 336 -11.20 -6.78 -6.93
N ASP B 337 -11.61 -7.59 -7.91
CA ASP B 337 -12.96 -7.49 -8.42
C ASP B 337 -13.99 -7.81 -7.33
N ALA B 338 -13.75 -8.87 -6.57
CA ALA B 338 -14.66 -9.25 -5.48
C ALA B 338 -14.74 -8.15 -4.43
N SER B 339 -13.59 -7.57 -4.07
CA SER B 339 -13.59 -6.54 -3.03
C SER B 339 -14.34 -5.30 -3.51
N THR B 340 -14.03 -4.82 -4.72
CA THR B 340 -14.68 -3.63 -5.22
C THR B 340 -16.19 -3.85 -5.35
N ARG B 341 -16.60 -5.04 -5.82
CA ARG B 341 -18.02 -5.35 -5.89
C ARG B 341 -18.67 -5.26 -4.52
N ALA B 342 -18.05 -5.85 -3.49
CA ALA B 342 -18.71 -5.85 -2.20
C ALA B 342 -18.66 -4.50 -1.52
N ILE B 343 -17.78 -3.61 -1.97
CA ILE B 343 -17.78 -2.26 -1.43
C ILE B 343 -18.86 -1.44 -2.10
N ASP B 344 -18.99 -1.55 -3.42
CA ASP B 344 -20.07 -0.89 -4.12
C ASP B 344 -21.41 -1.33 -3.54
N SER B 345 -21.51 -2.62 -3.19
CA SER B 345 -22.78 -3.15 -2.67
C SER B 345 -23.06 -2.63 -1.27
N LEU B 346 -22.04 -2.61 -0.39
CA LEU B 346 -22.22 -2.06 0.95
C LEU B 346 -22.58 -0.58 0.92
N ILE B 347 -21.85 0.21 0.12
CA ILE B 347 -22.10 1.65 0.01
C ILE B 347 -23.56 1.93 -0.31
N ASN B 348 -24.11 1.25 -1.32
CA ASN B 348 -25.50 1.48 -1.73
C ASN B 348 -26.46 0.64 -0.88
N TYR B 349 -26.38 0.86 0.43
CA TYR B 349 -27.26 0.16 1.38
C TYR B 349 -28.73 0.55 1.22
N GLU B 350 -28.99 1.85 0.98
CA GLU B 350 -30.38 2.32 1.00
C GLU B 350 -31.22 1.63 -0.08
N THR B 351 -30.76 1.68 -1.34
CA THR B 351 -31.49 1.04 -2.42
C THR B 351 -31.84 -0.40 -2.08
N VAL B 352 -30.86 -1.14 -1.57
CA VAL B 352 -31.09 -2.55 -1.26
C VAL B 352 -32.16 -2.66 -0.19
N LYS B 353 -32.07 -1.83 0.85
CA LYS B 353 -33.00 -1.95 1.97
C LYS B 353 -34.43 -1.64 1.57
N TYR B 354 -34.65 -0.67 0.67
CA TYR B 354 -36.03 -0.27 0.39
C TYR B 354 -36.84 -1.43 -0.18
N PHE B 355 -36.27 -2.18 -1.12
CA PHE B 355 -36.96 -3.26 -1.80
C PHE B 355 -36.06 -4.47 -1.96
N ASN B 356 -36.64 -5.64 -1.66
CA ASN B 356 -36.02 -6.97 -1.82
C ASN B 356 -34.56 -6.97 -1.33
N ASN B 357 -34.43 -6.71 -0.04
CA ASN B 357 -33.12 -6.66 0.59
C ASN B 357 -32.46 -8.04 0.60
N GLU B 358 -31.21 -8.08 0.14
CA GLU B 358 -30.41 -9.30 0.05
C GLU B 358 -31.19 -10.50 -0.50
N GLY B 359 -32.18 -10.24 -1.34
CA GLY B 359 -32.85 -11.34 -2.02
C GLY B 359 -31.99 -11.97 -3.09
N TYR B 360 -31.55 -11.17 -4.07
CA TYR B 360 -30.67 -11.65 -5.12
C TYR B 360 -29.24 -11.12 -4.99
N GLU B 361 -28.97 -10.32 -3.96
CA GLU B 361 -27.66 -9.68 -3.79
C GLU B 361 -26.63 -10.68 -3.25
N ALA B 362 -27.02 -11.45 -2.23
CA ALA B 362 -26.09 -12.38 -1.63
C ALA B 362 -25.66 -13.44 -2.63
N GLU B 363 -26.59 -13.94 -3.45
CA GLU B 363 -26.21 -14.97 -4.40
C GLU B 363 -25.15 -14.47 -5.36
N LYS B 364 -25.23 -13.18 -5.74
CA LYS B 364 -24.29 -12.65 -6.72
C LYS B 364 -22.92 -12.46 -6.09
N TYR B 365 -22.91 -12.02 -4.82
CA TYR B 365 -21.64 -11.93 -4.13
C TYR B 365 -21.05 -13.33 -3.98
N ASP B 366 -21.92 -14.30 -3.71
CA ASP B 366 -21.50 -15.70 -3.62
C ASP B 366 -20.82 -16.16 -4.90
N GLN B 367 -21.39 -15.81 -6.05
CA GLN B 367 -20.79 -16.25 -7.31
C GLN B 367 -19.40 -15.64 -7.47
N PHE B 368 -19.26 -14.36 -7.14
CA PHE B 368 -17.93 -13.75 -7.17
C PHE B 368 -16.97 -14.47 -6.24
N LEU B 369 -17.42 -14.85 -5.04
CA LEU B 369 -16.47 -15.50 -4.13
C LEU B 369 -16.22 -16.96 -4.52
N LYS B 370 -17.10 -17.55 -5.33
CA LYS B 370 -16.79 -18.87 -5.90
C LYS B 370 -15.70 -18.75 -6.94
N LYS B 371 -15.80 -17.72 -7.78
CA LYS B 371 -14.76 -17.53 -8.79
C LYS B 371 -13.41 -17.29 -8.11
N TYR B 372 -13.39 -16.49 -7.04
CA TYR B 372 -12.14 -16.29 -6.32
C TYR B 372 -11.65 -17.60 -5.69
N GLU B 373 -12.56 -18.37 -5.08
CA GLU B 373 -12.15 -19.59 -4.39
C GLU B 373 -11.70 -20.68 -5.36
N ASP B 374 -12.06 -20.56 -6.64
CA ASP B 374 -11.51 -21.48 -7.63
C ASP B 374 -10.17 -20.99 -8.16
N ALA B 375 -10.05 -19.68 -8.41
CA ALA B 375 -8.79 -19.17 -8.92
C ALA B 375 -7.69 -19.22 -7.86
N ALA B 376 -8.07 -19.43 -6.60
CA ALA B 376 -7.08 -19.60 -5.54
C ALA B 376 -6.76 -21.06 -5.28
N LEU B 377 -7.73 -21.96 -5.44
CA LEU B 377 -7.46 -23.39 -5.40
C LEU B 377 -6.66 -23.87 -6.60
N GLN B 378 -6.60 -23.10 -7.69
CA GLN B 378 -5.83 -23.52 -8.86
C GLN B 378 -4.33 -23.27 -8.65
N THR B 379 -3.99 -22.08 -8.18
CA THR B 379 -2.60 -21.72 -7.98
C THR B 379 -1.90 -22.68 -7.02
N GLN B 380 -2.61 -23.24 -6.04
CA GLN B 380 -1.96 -24.22 -5.16
C GLN B 380 -1.45 -25.42 -5.93
N ARG B 381 -2.27 -26.02 -6.81
CA ARG B 381 -1.80 -27.13 -7.64
C ARG B 381 -0.68 -26.71 -8.59
N SER B 382 -0.69 -25.45 -9.03
CA SER B 382 0.40 -25.00 -9.89
C SER B 382 1.70 -24.87 -9.10
N LEU B 383 1.64 -24.28 -7.91
CA LEU B 383 2.83 -24.22 -7.07
C LEU B 383 3.26 -25.63 -6.70
N ALA B 384 2.30 -26.53 -6.52
CA ALA B 384 2.57 -27.92 -6.14
C ALA B 384 3.46 -28.61 -7.15
N PHE B 385 3.19 -28.43 -8.44
CA PHE B 385 4.00 -29.12 -9.44
C PHE B 385 5.44 -28.66 -9.35
N LEU B 386 5.65 -27.35 -9.14
CA LEU B 386 6.99 -26.81 -9.00
C LEU B 386 7.67 -27.34 -7.74
N ASN B 387 6.96 -27.32 -6.62
CA ASN B 387 7.55 -27.71 -5.35
C ASN B 387 7.72 -29.21 -5.22
N PHE B 388 7.26 -29.98 -6.21
CA PHE B 388 7.55 -31.41 -6.26
C PHE B 388 8.71 -31.69 -7.21
N GLY B 389 8.68 -31.08 -8.41
CA GLY B 389 9.77 -31.32 -9.32
C GLY B 389 11.08 -30.71 -8.86
N GLN B 390 11.00 -29.65 -8.04
CA GLN B 390 12.18 -29.05 -7.43
C GLN B 390 12.85 -29.99 -6.43
N SER B 391 12.15 -31.07 -6.05
CA SER B 391 12.67 -32.09 -5.17
C SER B 391 13.19 -33.27 -5.98
N ILE B 392 12.39 -33.78 -6.92
CA ILE B 392 12.79 -34.97 -7.67
C ILE B 392 14.04 -34.69 -8.51
N ILE B 393 14.11 -33.51 -9.14
CA ILE B 393 15.26 -33.14 -9.98
C ILE B 393 16.55 -33.14 -9.17
N PHE B 394 16.47 -32.80 -7.89
CA PHE B 394 17.67 -32.72 -7.07
C PHE B 394 17.92 -34.02 -6.31
N SER B 395 16.91 -34.88 -6.21
CA SER B 395 17.08 -36.18 -5.59
C SER B 395 17.78 -37.16 -6.52
N THR B 396 17.46 -37.09 -7.82
CA THR B 396 18.14 -37.96 -8.77
C THR B 396 19.65 -37.72 -8.77
N ALA B 397 20.07 -36.48 -8.54
CA ALA B 397 21.50 -36.17 -8.46
C ALA B 397 22.15 -36.89 -7.28
N LEU B 398 21.53 -36.82 -6.10
CA LEU B 398 22.10 -37.43 -4.92
C LEU B 398 22.15 -38.95 -5.08
N SER B 399 21.10 -39.55 -5.64
CA SER B 399 21.12 -41.00 -5.82
C SER B 399 22.22 -41.40 -6.78
N THR B 400 22.40 -40.64 -7.87
CA THR B 400 23.43 -40.99 -8.84
C THR B 400 24.82 -40.85 -8.24
N ALA B 401 25.06 -39.75 -7.53
CA ALA B 401 26.34 -39.52 -6.89
C ALA B 401 26.69 -40.65 -5.92
N MET B 402 25.77 -40.97 -5.01
CA MET B 402 26.07 -42.03 -4.04
C MET B 402 26.29 -43.38 -4.71
N VAL B 403 25.42 -43.76 -5.66
CA VAL B 403 25.59 -45.09 -6.27
C VAL B 403 26.92 -45.18 -7.02
N LEU B 404 27.32 -44.08 -7.67
CA LEU B 404 28.61 -44.09 -8.35
C LEU B 404 29.76 -44.17 -7.37
N CYS B 405 29.63 -43.50 -6.21
CA CYS B 405 30.72 -43.58 -5.24
C CYS B 405 30.80 -44.98 -4.66
N SER B 406 29.64 -45.61 -4.41
CA SER B 406 29.63 -46.94 -3.84
C SER B 406 30.32 -47.92 -4.78
N GLN B 407 30.11 -47.76 -6.08
CA GLN B 407 30.78 -48.66 -7.03
C GLN B 407 32.29 -48.55 -6.89
N GLY B 408 32.80 -47.32 -6.72
CA GLY B 408 34.23 -47.15 -6.53
C GLY B 408 34.68 -47.79 -5.23
N ILE B 409 33.90 -47.62 -4.17
CA ILE B 409 34.33 -48.13 -2.86
C ILE B 409 34.46 -49.64 -2.93
N MET B 410 33.43 -50.29 -3.49
CA MET B 410 33.44 -51.75 -3.59
C MET B 410 34.41 -52.24 -4.66
N ASN B 411 34.95 -51.36 -5.50
CA ASN B 411 35.85 -51.78 -6.57
C ASN B 411 37.31 -51.51 -6.22
N GLY B 412 37.61 -51.22 -4.96
CA GLY B 412 38.98 -51.03 -4.52
C GLY B 412 39.62 -49.76 -5.05
N GLN B 413 38.85 -48.71 -5.26
CA GLN B 413 39.38 -47.41 -5.64
C GLN B 413 39.94 -46.69 -4.42
N MET B 414 40.66 -45.60 -4.69
CA MET B 414 41.25 -44.83 -3.60
C MET B 414 40.19 -44.32 -2.62
N THR B 415 38.96 -44.13 -3.09
CA THR B 415 37.91 -43.62 -2.22
C THR B 415 37.62 -44.61 -1.09
N VAL B 416 37.75 -44.14 0.15
CA VAL B 416 37.47 -44.94 1.34
C VAL B 416 36.82 -44.05 2.39
N GLY B 417 35.55 -44.32 2.71
CA GLY B 417 34.85 -43.58 3.75
C GLY B 417 34.58 -42.13 3.49
N ASP B 418 34.74 -41.66 2.25
CA ASP B 418 34.56 -40.25 1.91
C ASP B 418 33.20 -39.98 1.31
N LEU B 419 32.32 -40.99 1.28
CA LEU B 419 30.94 -40.78 0.84
C LEU B 419 30.25 -39.72 1.68
N VAL B 420 30.55 -39.68 2.98
CA VAL B 420 29.88 -38.77 3.90
C VAL B 420 30.13 -37.30 3.58
N MET B 421 31.16 -36.98 2.80
CA MET B 421 31.33 -35.56 2.47
C MET B 421 30.39 -35.14 1.35
N VAL B 422 30.14 -36.03 0.39
CA VAL B 422 29.31 -35.66 -0.77
C VAL B 422 27.94 -35.17 -0.30
N ASN B 423 27.34 -35.86 0.68
CA ASN B 423 26.08 -35.39 1.24
C ASN B 423 26.21 -33.95 1.70
N GLY B 424 27.29 -33.63 2.40
CA GLY B 424 27.48 -32.28 2.90
C GLY B 424 27.61 -31.27 1.78
N LEU B 425 28.39 -31.60 0.75
CA LEU B 425 28.58 -30.66 -0.36
C LEU B 425 27.26 -30.40 -1.07
N LEU B 426 26.49 -31.47 -1.31
CA LEU B 426 25.20 -31.31 -1.95
C LEU B 426 24.27 -30.47 -1.09
N PHE B 427 24.29 -30.68 0.23
CA PHE B 427 23.44 -29.88 1.11
C PHE B 427 23.84 -28.41 1.04
N GLN B 428 25.15 -28.13 1.02
CA GLN B 428 25.60 -26.74 0.96
C GLN B 428 25.12 -26.08 -0.32
N LEU B 429 25.21 -26.80 -1.45
CA LEU B 429 24.69 -26.26 -2.70
C LEU B 429 23.18 -26.08 -2.65
N SER B 430 22.48 -27.02 -2.02
CA SER B 430 21.01 -27.02 -1.99
C SER B 430 20.40 -25.83 -1.27
N LEU B 431 21.13 -25.19 -0.36
CA LEU B 431 20.48 -24.17 0.46
C LEU B 431 20.23 -22.87 -0.31
N PRO B 432 21.24 -22.20 -0.87
CA PRO B 432 20.98 -20.88 -1.48
C PRO B 432 20.53 -20.93 -2.92
N LEU B 433 20.34 -22.11 -3.50
CA LEU B 433 19.90 -22.18 -4.89
C LEU B 433 18.51 -21.61 -5.07
N ASN B 434 17.64 -21.81 -4.08
CA ASN B 434 16.23 -21.44 -4.21
C ASN B 434 16.05 -19.95 -4.50
N PHE B 435 16.89 -19.10 -3.92
CA PHE B 435 16.72 -17.65 -4.07
C PHE B 435 16.81 -17.23 -5.53
N LEU B 436 17.74 -17.83 -6.28
CA LEU B 436 17.95 -17.42 -7.67
C LEU B 436 16.71 -17.59 -8.53
N GLY B 437 15.86 -18.57 -8.21
CA GLY B 437 14.70 -18.82 -9.03
C GLY B 437 13.69 -17.67 -9.09
N SER B 438 13.48 -17.01 -7.95
CA SER B 438 12.44 -15.97 -7.85
C SER B 438 12.91 -14.55 -8.16
N VAL B 439 14.19 -14.36 -8.52
CA VAL B 439 14.72 -13.00 -8.70
C VAL B 439 14.37 -12.37 -10.05
N TYR B 440 13.77 -13.12 -10.99
CA TYR B 440 13.59 -12.59 -12.34
C TYR B 440 12.67 -11.37 -12.37
N ARG B 441 11.49 -11.47 -11.76
CA ARG B 441 10.56 -10.34 -11.81
C ARG B 441 11.18 -9.12 -11.14
N GLU B 442 11.82 -9.30 -9.98
CA GLU B 442 12.41 -8.15 -9.30
C GLU B 442 13.50 -7.54 -10.17
N THR B 443 14.33 -8.38 -10.78
CA THR B 443 15.44 -7.86 -11.58
C THR B 443 14.93 -7.05 -12.77
N ILE B 444 13.93 -7.58 -13.49
CA ILE B 444 13.45 -6.84 -14.66
C ILE B 444 12.80 -5.53 -14.25
N GLN B 445 12.00 -5.57 -13.17
CA GLN B 445 11.31 -4.37 -12.72
C GLN B 445 12.30 -3.32 -12.24
N SER B 446 13.34 -3.75 -11.52
CA SER B 446 14.31 -2.82 -10.99
C SER B 446 15.15 -2.27 -12.13
N LEU B 447 15.45 -3.09 -13.12
CA LEU B 447 16.32 -2.67 -14.21
C LEU B 447 15.62 -1.70 -15.13
N VAL B 448 14.29 -1.73 -15.16
CA VAL B 448 13.58 -0.70 -15.92
C VAL B 448 13.35 0.56 -15.08
N ASP B 449 13.11 0.41 -13.76
CA ASP B 449 13.01 1.60 -12.92
C ASP B 449 14.32 2.38 -12.90
N MET B 450 15.45 1.67 -12.92
CA MET B 450 16.74 2.32 -13.00
C MET B 450 16.90 3.10 -14.31
N LYS B 451 16.41 2.54 -15.41
CA LYS B 451 16.41 3.31 -16.65
C LYS B 451 15.53 4.54 -16.53
N SER B 452 14.42 4.43 -15.83
CA SER B 452 13.56 5.59 -15.61
C SER B 452 14.35 6.70 -14.92
N MET B 453 14.99 6.37 -13.79
CA MET B 453 15.75 7.37 -13.05
C MET B 453 16.86 7.97 -13.89
N PHE B 454 17.71 7.11 -14.48
CA PHE B 454 18.82 7.64 -15.27
C PHE B 454 18.35 8.33 -16.55
N GLN B 455 17.08 8.20 -16.91
CA GLN B 455 16.51 8.96 -18.00
C GLN B 455 16.06 10.32 -17.53
N LEU B 456 15.62 10.42 -16.27
CA LEU B 456 15.30 11.73 -15.70
C LEU B 456 16.55 12.59 -15.67
N LEU B 457 17.69 12.02 -15.28
CA LEU B 457 18.96 12.70 -15.35
C LEU B 457 19.41 12.84 -16.81
N GLU B 458 20.39 13.72 -17.02
CA GLU B 458 21.02 14.03 -18.31
C GLU B 458 20.07 14.75 -19.26
N GLU B 459 19.04 15.41 -18.73
CA GLU B 459 18.13 16.23 -19.49
C GLU B 459 18.51 17.69 -19.30
N LYS B 460 18.92 18.35 -20.38
CA LYS B 460 19.48 19.69 -20.30
C LYS B 460 18.38 20.74 -20.16
N SER B 461 18.70 21.80 -19.42
CA SER B 461 17.80 22.92 -19.24
C SER B 461 17.81 23.83 -20.46
N ASP B 462 16.62 24.32 -20.83
CA ASP B 462 16.50 25.17 -22.01
C ASP B 462 17.23 26.50 -21.83
N ILE B 463 17.14 27.10 -20.65
CA ILE B 463 17.65 28.46 -20.44
C ILE B 463 19.14 28.33 -20.10
N THR B 464 19.95 28.19 -21.14
CA THR B 464 21.39 28.22 -21.00
C THR B 464 21.88 29.66 -21.11
N ASN B 465 22.98 29.95 -20.44
CA ASN B 465 23.62 31.25 -20.55
C ASN B 465 24.89 31.13 -21.39
N THR B 466 25.38 32.28 -21.86
CA THR B 466 26.58 32.29 -22.68
C THR B 466 27.80 31.97 -21.81
N SER B 467 28.91 31.67 -22.49
CA SER B 467 30.14 31.29 -21.80
C SER B 467 30.61 32.41 -20.87
N ASP B 468 30.88 33.60 -21.45
CA ASP B 468 31.36 34.71 -20.66
C ASP B 468 30.30 35.15 -19.65
N ALA B 469 30.74 35.37 -18.41
CA ALA B 469 29.87 35.79 -17.32
C ALA B 469 30.21 37.22 -16.91
N LYS B 470 29.22 38.11 -16.96
CA LYS B 470 29.38 39.50 -16.56
C LYS B 470 28.42 39.81 -15.42
N PRO B 471 28.90 40.44 -14.34
CA PRO B 471 28.02 40.68 -13.19
C PRO B 471 27.16 41.92 -13.39
N LEU B 472 25.93 41.85 -12.88
CA LEU B 472 25.00 42.96 -13.02
C LEU B 472 25.45 44.13 -12.13
N VAL B 473 25.97 45.17 -12.75
CA VAL B 473 26.34 46.40 -12.04
C VAL B 473 25.26 47.43 -12.33
N LEU B 474 24.29 47.51 -11.43
CA LEU B 474 23.13 48.40 -11.60
C LEU B 474 23.21 49.53 -10.58
N LYS B 475 23.52 50.74 -11.08
CA LYS B 475 23.49 51.92 -10.22
C LYS B 475 22.06 52.27 -9.82
N GLY B 476 21.15 52.25 -10.80
CA GLY B 476 19.75 52.53 -10.54
C GLY B 476 18.89 51.70 -11.47
N GLY B 477 17.70 51.35 -10.99
CA GLY B 477 16.85 50.46 -11.76
C GLY B 477 15.97 51.17 -12.76
N ASN B 478 16.16 50.86 -14.05
CA ASN B 478 15.35 51.39 -15.14
C ASN B 478 14.83 50.22 -15.94
N ILE B 479 13.51 50.11 -16.06
CA ILE B 479 12.88 49.01 -16.78
C ILE B 479 12.48 49.53 -18.16
N GLU B 480 13.14 49.03 -19.20
CA GLU B 480 12.84 49.41 -20.57
C GLU B 480 12.53 48.18 -21.41
N PHE B 481 11.30 48.11 -21.92
CA PHE B 481 10.87 47.01 -22.78
C PHE B 481 10.83 47.49 -24.22
N GLU B 482 11.36 46.67 -25.13
CA GLU B 482 11.43 47.02 -26.56
C GLU B 482 10.92 45.86 -27.40
N ASN B 483 9.65 45.95 -27.80
CA ASN B 483 9.02 44.99 -28.73
C ASN B 483 9.25 43.54 -28.29
N VAL B 484 8.99 43.29 -27.01
CA VAL B 484 9.12 41.94 -26.47
C VAL B 484 7.89 41.13 -26.88
N HIS B 485 8.13 40.05 -27.63
CA HIS B 485 7.07 39.13 -28.01
C HIS B 485 7.36 37.76 -27.43
N PHE B 486 6.32 37.09 -26.94
CA PHE B 486 6.48 35.75 -26.37
C PHE B 486 5.18 35.00 -26.55
N SER B 487 5.25 33.82 -27.18
CA SER B 487 4.09 32.96 -27.35
C SER B 487 4.32 31.65 -26.61
N TYR B 488 3.46 31.37 -25.63
CA TYR B 488 3.53 30.08 -24.94
C TYR B 488 3.18 28.95 -25.89
N LEU B 489 2.25 29.19 -26.81
CA LEU B 489 1.83 28.23 -27.80
C LEU B 489 1.64 28.99 -29.10
N PRO B 490 1.78 28.33 -30.26
CA PRO B 490 1.67 29.09 -31.52
C PRO B 490 0.32 29.75 -31.74
N GLU B 491 -0.78 29.12 -31.31
CA GLU B 491 -2.10 29.69 -31.53
C GLU B 491 -2.24 31.07 -30.89
N ARG B 492 -1.91 31.19 -29.60
CA ARG B 492 -2.10 32.43 -28.86
C ARG B 492 -0.75 32.98 -28.44
N LYS B 493 -0.40 34.17 -28.95
CA LYS B 493 0.81 34.87 -28.54
C LYS B 493 0.42 35.96 -27.54
N ILE B 494 0.92 35.82 -26.30
CA ILE B 494 0.50 36.67 -25.19
C ILE B 494 0.86 38.12 -25.43
N LEU B 495 2.15 38.41 -25.59
CA LEU B 495 2.65 39.78 -25.68
C LEU B 495 2.94 40.15 -27.13
N ASP B 496 2.41 41.29 -27.56
CA ASP B 496 2.55 41.69 -28.96
C ASP B 496 3.33 42.99 -29.10
N GLY B 497 4.50 43.06 -28.48
CA GLY B 497 5.35 44.23 -28.59
C GLY B 497 5.27 45.23 -27.47
N ILE B 498 5.01 44.81 -26.24
CA ILE B 498 4.88 45.73 -25.11
C ILE B 498 6.15 46.55 -25.00
N SER B 499 6.01 47.88 -25.07
CA SER B 499 7.13 48.80 -24.86
C SER B 499 6.72 49.90 -23.90
N PHE B 500 7.47 50.02 -22.80
CA PHE B 500 7.28 51.11 -21.85
C PHE B 500 8.58 51.29 -21.08
N VAL B 501 8.73 52.46 -20.48
CA VAL B 501 9.95 52.81 -19.75
C VAL B 501 9.55 53.30 -18.36
N VAL B 502 10.18 52.73 -17.34
CA VAL B 502 9.93 53.11 -15.95
C VAL B 502 11.08 53.98 -15.48
N PRO B 503 10.81 55.16 -14.91
CA PRO B 503 11.88 55.95 -14.32
C PRO B 503 12.33 55.36 -12.99
N ALA B 504 13.59 55.63 -12.65
CA ALA B 504 14.18 55.06 -11.44
C ALA B 504 13.45 55.54 -10.19
N GLY B 505 13.28 54.63 -9.23
CA GLY B 505 12.67 54.97 -7.97
C GLY B 505 11.22 55.34 -8.01
N LYS B 506 10.49 54.95 -9.05
CA LYS B 506 9.08 55.32 -9.19
C LYS B 506 8.21 54.07 -9.15
N SER B 507 6.90 54.30 -9.08
CA SER B 507 5.91 53.23 -9.05
C SER B 507 5.08 53.27 -10.31
N VAL B 508 4.96 52.13 -10.99
CA VAL B 508 4.16 52.00 -12.20
C VAL B 508 3.22 50.82 -12.04
N ALA B 509 2.02 50.93 -12.58
CA ALA B 509 0.97 49.95 -12.35
C ALA B 509 0.55 49.29 -13.65
N ILE B 510 0.42 47.98 -13.63
CA ILE B 510 -0.01 47.17 -14.76
C ILE B 510 -1.40 46.64 -14.45
N VAL B 511 -2.39 47.04 -15.25
CA VAL B 511 -3.79 46.70 -14.97
C VAL B 511 -4.41 46.08 -16.22
N GLY B 512 -5.42 45.25 -16.00
CA GLY B 512 -6.14 44.64 -17.09
C GLY B 512 -7.13 43.62 -16.59
N THR B 513 -7.77 42.96 -17.54
CA THR B 513 -8.72 41.90 -17.25
C THR B 513 -7.98 40.60 -16.92
N SER B 514 -8.74 39.57 -16.57
CA SER B 514 -8.15 38.26 -16.32
C SER B 514 -7.86 37.50 -17.62
N GLY B 515 -8.66 37.74 -18.66
CA GLY B 515 -8.36 37.18 -19.96
C GLY B 515 -7.06 37.68 -20.55
N SER B 516 -6.60 38.86 -20.13
CA SER B 516 -5.40 39.47 -20.69
C SER B 516 -4.13 38.69 -20.37
N GLY B 517 -4.20 37.70 -19.49
CA GLY B 517 -3.06 36.87 -19.15
C GLY B 517 -1.83 37.61 -18.66
N LYS B 518 -2.01 38.53 -17.69
CA LYS B 518 -0.92 39.34 -17.19
C LYS B 518 0.01 38.56 -16.27
N SER B 519 -0.21 37.26 -16.10
CA SER B 519 0.66 36.43 -15.27
C SER B 519 2.06 36.34 -15.85
N THR B 520 2.19 36.43 -17.18
CA THR B 520 3.47 36.20 -17.85
C THR B 520 4.55 37.15 -17.34
N ILE B 521 4.21 38.43 -17.10
CA ILE B 521 5.14 39.48 -16.68
C ILE B 521 6.14 38.97 -15.65
N LEU B 522 5.64 38.38 -14.56
CA LEU B 522 6.52 37.92 -13.48
C LEU B 522 7.47 36.85 -13.98
N ARG B 523 6.96 35.91 -14.78
CA ARG B 523 7.79 34.82 -15.28
C ARG B 523 8.89 35.37 -16.18
N MET B 524 8.54 36.29 -17.07
CA MET B 524 9.52 36.87 -17.99
C MET B 524 10.58 37.69 -17.27
N LEU B 525 10.18 38.58 -16.35
CA LEU B 525 11.18 39.44 -15.72
C LEU B 525 12.20 38.60 -14.97
N PHE B 526 11.79 37.46 -14.43
CA PHE B 526 12.66 36.55 -13.71
C PHE B 526 13.43 35.63 -14.64
N ARG B 527 13.28 35.81 -15.96
CA ARG B 527 13.93 34.98 -16.97
C ARG B 527 13.54 33.52 -16.87
N PHE B 528 12.27 33.26 -16.54
CA PHE B 528 11.77 31.90 -16.60
C PHE B 528 11.68 31.43 -18.05
N PHE B 529 11.17 32.27 -18.94
CA PHE B 529 11.08 32.00 -20.37
C PHE B 529 11.77 33.10 -21.16
N ASP B 530 12.38 32.71 -22.28
CA ASP B 530 13.14 33.64 -23.11
C ASP B 530 12.25 34.31 -24.16
N THR B 531 12.74 35.41 -24.72
CA THR B 531 12.01 36.19 -25.71
C THR B 531 12.35 35.73 -27.11
N ASP B 532 11.32 35.52 -27.93
CA ASP B 532 11.56 35.06 -29.30
C ASP B 532 12.35 36.10 -30.09
N SER B 533 11.92 37.36 -30.04
CA SER B 533 12.56 38.39 -30.85
C SER B 533 12.91 39.68 -30.11
N GLY B 534 12.66 39.78 -28.80
CA GLY B 534 12.86 41.01 -28.08
C GLY B 534 14.01 40.98 -27.08
N ASN B 535 14.20 42.13 -26.42
CA ASN B 535 15.26 42.34 -25.45
C ASN B 535 14.66 42.98 -24.20
N ILE B 536 15.40 42.88 -23.09
CA ILE B 536 15.02 43.54 -21.83
C ILE B 536 16.20 44.38 -21.36
N ARG B 537 15.96 45.67 -21.19
CA ARG B 537 16.99 46.63 -20.77
C ARG B 537 16.88 46.82 -19.27
N ILE B 538 17.88 46.35 -18.53
CA ILE B 538 17.98 46.58 -17.10
C ILE B 538 19.15 47.54 -16.89
N ASP B 539 18.83 48.77 -16.48
CA ASP B 539 19.82 49.83 -16.33
C ASP B 539 20.64 49.98 -17.62
N GLY B 540 19.95 49.89 -18.75
CA GLY B 540 20.63 49.89 -20.03
C GLY B 540 21.61 48.77 -20.24
N GLN B 541 21.29 47.57 -19.75
CA GLN B 541 22.08 46.37 -20.00
C GLN B 541 21.17 45.26 -20.53
N ASP B 542 21.77 44.34 -21.26
CA ASP B 542 21.06 43.21 -21.84
C ASP B 542 21.09 42.04 -20.85
N ILE B 543 19.92 41.42 -20.63
CA ILE B 543 19.83 40.35 -19.66
C ILE B 543 20.52 39.09 -20.17
N LYS B 544 20.50 38.85 -21.47
CA LYS B 544 21.05 37.62 -22.05
C LYS B 544 22.48 37.34 -21.59
N GLU B 545 23.28 38.38 -21.35
CA GLU B 545 24.67 38.17 -20.98
C GLU B 545 24.86 37.95 -19.48
N VAL B 546 24.19 38.74 -18.64
CA VAL B 546 24.43 38.71 -17.21
C VAL B 546 24.08 37.34 -16.61
N ARG B 547 24.84 36.95 -15.58
CA ARG B 547 24.61 35.69 -14.90
C ARG B 547 23.22 35.61 -14.30
N LEU B 548 22.65 34.41 -14.37
CA LEU B 548 21.32 34.16 -13.82
C LEU B 548 21.28 34.46 -12.33
N ASP B 549 22.28 33.97 -11.60
CA ASP B 549 22.34 34.19 -10.15
C ASP B 549 22.34 35.67 -9.81
N SER B 550 23.16 36.47 -10.49
CA SER B 550 23.25 37.90 -10.16
C SER B 550 21.90 38.59 -10.35
N LEU B 551 21.20 38.28 -11.44
CA LEU B 551 19.93 38.94 -11.70
C LEU B 551 18.88 38.48 -10.69
N ARG B 552 18.74 37.16 -10.51
CA ARG B 552 17.70 36.68 -9.62
C ARG B 552 17.96 37.07 -8.17
N SER B 553 19.22 37.33 -7.82
CA SER B 553 19.54 37.76 -6.47
C SER B 553 19.29 39.25 -6.29
N SER B 554 19.55 40.05 -7.32
CA SER B 554 19.44 41.49 -7.16
C SER B 554 18.00 42.00 -7.27
N ILE B 555 17.08 41.16 -7.74
CA ILE B 555 15.68 41.54 -7.91
C ILE B 555 14.88 41.00 -6.72
N GLY B 556 13.89 41.78 -6.29
CA GLY B 556 13.04 41.40 -5.17
C GLY B 556 11.60 41.24 -5.61
N VAL B 557 10.91 40.27 -5.01
CA VAL B 557 9.57 39.88 -5.45
C VAL B 557 8.79 39.37 -4.25
N VAL B 558 7.51 39.69 -4.21
CA VAL B 558 6.60 39.18 -3.19
C VAL B 558 5.66 38.18 -3.85
N PRO B 559 5.51 36.97 -3.30
CA PRO B 559 4.67 35.96 -3.96
C PRO B 559 3.20 36.28 -3.83
N GLN B 560 2.41 35.67 -4.72
CA GLN B 560 0.97 35.87 -4.70
C GLN B 560 0.32 34.98 -3.64
N ASP B 561 0.69 33.70 -3.62
CA ASP B 561 0.27 32.78 -2.58
C ASP B 561 1.48 32.48 -1.71
N THR B 562 1.35 32.73 -0.41
CA THR B 562 2.47 32.66 0.52
C THR B 562 2.41 31.33 1.27
N VAL B 563 3.00 30.30 0.69
CA VAL B 563 3.01 28.98 1.30
C VAL B 563 4.09 28.95 2.37
N LEU B 564 3.73 28.55 3.58
CA LEU B 564 4.68 28.45 4.68
C LEU B 564 4.98 26.99 5.00
N PHE B 565 6.26 26.70 5.23
CA PHE B 565 6.69 25.37 5.60
C PHE B 565 6.32 25.09 7.06
N ASN B 566 6.37 23.82 7.43
CA ASN B 566 6.00 23.41 8.78
C ASN B 566 7.23 23.52 9.67
N ASP B 567 7.36 24.65 10.35
CA ASP B 567 8.53 24.93 11.19
C ASP B 567 8.20 26.10 12.11
N THR B 568 9.19 26.47 12.92
CA THR B 568 9.04 27.56 13.88
C THR B 568 8.92 28.89 13.17
N ILE B 569 8.06 29.76 13.70
CA ILE B 569 7.86 31.11 13.16
C ILE B 569 9.19 31.78 12.84
N PHE B 570 10.15 31.69 13.77
CA PHE B 570 11.42 32.38 13.58
C PHE B 570 12.14 31.89 12.32
N HIS B 571 11.96 30.62 11.96
CA HIS B 571 12.54 30.14 10.72
C HIS B 571 11.77 30.61 9.51
N ASN B 572 10.44 30.68 9.61
CA ASN B 572 9.65 31.14 8.48
C ASN B 572 9.74 32.65 8.31
N ILE B 573 10.35 33.36 9.27
CA ILE B 573 10.46 34.80 9.22
C ILE B 573 11.89 35.26 8.95
N HIS B 574 12.89 34.40 9.12
CA HIS B 574 14.25 34.76 8.72
C HIS B 574 14.64 34.04 7.44
N TYR B 575 13.68 33.35 6.80
CA TYR B 575 13.96 32.56 5.61
C TYR B 575 14.50 33.41 4.46
N GLY B 576 14.10 34.68 4.38
CA GLY B 576 14.44 35.48 3.21
C GLY B 576 15.93 35.58 2.98
N ARG B 577 16.69 35.90 4.02
CA ARG B 577 18.14 35.89 3.97
C ARG B 577 18.64 35.11 5.18
N LEU B 578 19.42 34.05 4.93
CA LEU B 578 20.00 33.32 6.04
C LEU B 578 21.07 34.18 6.73
N SER B 579 21.61 33.65 7.83
CA SER B 579 22.54 34.39 8.67
C SER B 579 21.90 35.68 9.18
N ALA B 580 20.64 35.58 9.59
CA ALA B 580 19.89 36.70 10.16
C ALA B 580 19.92 36.60 11.68
N THR B 581 20.37 37.67 12.33
CA THR B 581 20.44 37.71 13.78
C THR B 581 19.06 38.00 14.37
N GLU B 582 18.98 38.01 15.69
CA GLU B 582 17.71 38.33 16.35
C GLU B 582 17.38 39.81 16.25
N GLU B 583 18.39 40.68 16.22
CA GLU B 583 18.13 42.11 16.09
C GLU B 583 17.65 42.47 14.69
N GLU B 584 18.25 41.86 13.66
CA GLU B 584 17.79 42.08 12.29
C GLU B 584 16.33 41.66 12.13
N VAL B 585 16.00 40.46 12.59
CA VAL B 585 14.62 40.00 12.46
C VAL B 585 13.70 40.84 13.35
N TYR B 586 14.22 41.38 14.46
CA TYR B 586 13.40 42.27 15.27
C TYR B 586 13.09 43.57 14.53
N GLU B 587 14.09 44.16 13.87
CA GLU B 587 13.83 45.41 13.16
C GLU B 587 12.86 45.17 12.01
N ALA B 588 13.00 44.01 11.34
CA ALA B 588 12.05 43.65 10.30
C ALA B 588 10.65 43.53 10.88
N ALA B 589 10.53 42.94 12.07
CA ALA B 589 9.24 42.83 12.73
C ALA B 589 8.65 44.21 13.04
N ARG B 590 9.47 45.11 13.60
CA ARG B 590 8.97 46.43 13.97
C ARG B 590 8.44 47.17 12.76
N ARG B 591 9.21 47.19 11.66
CA ARG B 591 8.71 47.83 10.45
C ARG B 591 7.50 47.09 9.89
N ALA B 592 7.47 45.76 10.00
CA ALA B 592 6.31 44.98 9.63
C ALA B 592 5.11 45.21 10.55
N ALA B 593 5.30 45.94 11.65
CA ALA B 593 4.22 46.24 12.60
C ALA B 593 3.53 44.97 13.10
N ILE B 594 4.34 43.96 13.43
CA ILE B 594 3.82 42.65 13.84
C ILE B 594 3.95 42.42 15.34
N HIS B 595 4.64 43.31 16.07
CA HIS B 595 4.83 43.13 17.51
C HIS B 595 3.51 43.08 18.27
N GLU B 596 2.51 43.85 17.85
CA GLU B 596 1.23 43.81 18.55
C GLU B 596 0.61 42.41 18.50
N THR B 597 0.70 41.73 17.36
CA THR B 597 0.12 40.40 17.22
C THR B 597 1.10 39.28 17.50
N ILE B 598 2.35 39.58 17.86
CA ILE B 598 3.36 38.52 18.02
C ILE B 598 3.66 38.18 19.47
N SER B 599 3.30 39.05 20.42
CA SER B 599 3.61 38.81 21.82
C SER B 599 2.67 37.79 22.45
N ASN B 600 1.67 37.33 21.70
CA ASN B 600 0.71 36.33 22.15
C ASN B 600 1.12 34.91 21.78
N PHE B 601 2.30 34.74 21.19
CA PHE B 601 2.75 33.42 20.74
C PHE B 601 2.90 32.49 21.95
N PRO B 602 2.32 31.28 21.89
CA PRO B 602 2.39 30.40 23.07
C PRO B 602 3.80 29.99 23.46
N ASP B 603 4.70 29.81 22.49
CA ASP B 603 6.03 29.31 22.77
C ASP B 603 7.07 30.43 22.83
N LYS B 604 6.65 31.63 23.25
CA LYS B 604 7.52 32.80 23.33
C LYS B 604 8.19 33.09 21.98
N TYR B 605 7.38 33.10 20.92
CA TYR B 605 7.75 33.45 19.54
C TYR B 605 8.40 32.27 18.83
N SER B 606 8.41 31.09 19.44
CA SER B 606 8.91 29.88 18.78
C SER B 606 7.80 28.88 18.46
N THR B 607 6.54 29.33 18.50
CA THR B 607 5.42 28.44 18.23
C THR B 607 5.51 27.85 16.82
N ILE B 608 5.26 26.53 16.73
CA ILE B 608 5.26 25.86 15.44
C ILE B 608 4.08 26.35 14.60
N VAL B 609 4.29 26.46 13.30
CA VAL B 609 3.28 26.90 12.35
C VAL B 609 3.26 25.92 11.18
N GLY B 610 2.21 26.00 10.37
CA GLY B 610 2.06 25.06 9.28
C GLY B 610 1.06 23.96 9.62
N GLU B 611 1.24 22.77 9.05
CA GLU B 611 0.39 21.65 9.40
C GLU B 611 0.78 21.12 10.77
N ARG B 612 -0.20 20.59 11.49
CA ARG B 612 -0.02 20.20 12.89
C ARG B 612 0.42 21.40 13.72
N GLY B 613 -0.21 22.54 13.48
CA GLY B 613 0.13 23.76 14.16
C GLY B 613 -1.02 24.75 14.12
N LEU B 614 -0.71 25.99 14.47
CA LEU B 614 -1.71 27.05 14.52
C LEU B 614 -2.02 27.54 13.12
N LYS B 615 -3.28 27.42 12.71
CA LYS B 615 -3.67 27.80 11.36
C LYS B 615 -3.67 29.32 11.22
N LEU B 616 -3.09 29.82 10.15
CA LEU B 616 -2.95 31.26 9.93
C LEU B 616 -3.91 31.71 8.84
N SER B 617 -4.60 32.82 9.09
CA SER B 617 -5.47 33.43 8.09
C SER B 617 -4.63 34.22 7.08
N GLY B 618 -5.30 34.64 6.01
CA GLY B 618 -4.61 35.32 4.93
C GLY B 618 -3.86 36.57 5.34
N GLY B 619 -4.44 37.36 6.24
CA GLY B 619 -3.78 38.60 6.67
C GLY B 619 -2.43 38.38 7.34
N GLU B 620 -2.36 37.44 8.29
CA GLU B 620 -1.05 37.14 8.87
C GLU B 620 -0.10 36.53 7.85
N LYS B 621 -0.59 35.65 6.98
CA LYS B 621 0.29 35.06 5.97
C LYS B 621 0.89 36.15 5.08
N GLN B 622 0.09 37.17 4.76
CA GLN B 622 0.59 38.27 3.96
C GLN B 622 1.60 39.09 4.75
N ARG B 623 1.35 39.27 6.04
CA ARG B 623 2.33 39.97 6.89
C ARG B 623 3.64 39.20 6.91
N VAL B 624 3.57 37.87 6.97
CA VAL B 624 4.77 37.03 6.93
C VAL B 624 5.50 37.22 5.60
N ALA B 625 4.76 37.29 4.50
CA ALA B 625 5.41 37.51 3.21
C ALA B 625 6.14 38.85 3.19
N LEU B 626 5.49 39.89 3.71
CA LEU B 626 6.14 41.20 3.80
C LEU B 626 7.37 41.15 4.71
N ALA B 627 7.28 40.41 5.82
CA ALA B 627 8.38 40.34 6.77
C ALA B 627 9.42 39.32 6.36
N ARG B 628 9.24 38.70 5.20
CA ARG B 628 10.22 37.84 4.58
C ARG B 628 10.95 38.56 3.45
N THR B 629 10.22 39.36 2.67
CA THR B 629 10.88 40.14 1.63
C THR B 629 11.53 41.41 2.15
N PHE B 630 11.08 41.94 3.30
CA PHE B 630 11.76 43.09 3.89
C PHE B 630 13.19 42.76 4.32
N LEU B 631 13.44 41.49 4.66
CA LEU B 631 14.75 41.07 5.13
C LEU B 631 15.77 41.15 4.02
N LYS B 632 15.41 40.61 2.85
CA LYS B 632 16.28 40.53 1.68
C LYS B 632 16.86 41.86 1.27
N SER B 633 16.18 42.97 1.60
CA SER B 633 16.62 44.32 1.25
C SER B 633 16.97 44.43 -0.24
N PRO B 634 16.04 44.10 -1.14
CA PRO B 634 16.40 44.05 -2.56
C PRO B 634 16.62 45.43 -3.18
N ALA B 635 16.95 45.44 -4.47
CA ALA B 635 17.15 46.69 -5.19
C ALA B 635 15.91 47.15 -5.95
N ILE B 636 15.04 46.21 -6.30
CA ILE B 636 13.81 46.49 -7.04
C ILE B 636 12.71 45.59 -6.49
N LEU B 637 11.50 46.13 -6.38
CA LEU B 637 10.38 45.41 -5.78
C LEU B 637 9.33 45.16 -6.85
N LEU B 638 8.83 43.93 -6.91
CA LEU B 638 7.78 43.55 -7.84
C LEU B 638 6.69 42.78 -7.10
N CYS B 639 5.44 43.12 -7.38
CA CYS B 639 4.28 42.54 -6.71
C CYS B 639 3.41 41.81 -7.73
N ASP B 640 2.62 40.85 -7.23
CA ASP B 640 1.75 40.06 -8.09
C ASP B 640 0.36 39.90 -7.47
N GLU B 641 -0.24 41.02 -7.07
CA GLU B 641 -1.62 41.05 -6.57
C GLU B 641 -1.82 40.01 -5.46
N ALA B 642 -0.92 40.04 -4.48
CA ALA B 642 -0.91 39.07 -3.39
C ALA B 642 -2.29 38.81 -2.81
N THR B 643 -3.04 39.87 -2.51
CA THR B 643 -4.33 39.75 -1.85
C THR B 643 -5.44 40.02 -2.86
N SER B 644 -6.39 39.08 -2.96
CA SER B 644 -7.57 39.28 -3.80
C SER B 644 -8.71 39.93 -3.02
N ALA B 645 -8.98 39.45 -1.81
CA ALA B 645 -9.99 40.06 -0.95
C ALA B 645 -9.54 39.93 0.50
N LEU B 646 -9.79 40.97 1.28
CA LEU B 646 -9.35 40.97 2.68
C LEU B 646 -10.17 41.98 3.47
N ASP B 647 -10.09 41.85 4.80
CA ASP B 647 -10.71 42.80 5.71
C ASP B 647 -10.09 44.18 5.55
N SER B 648 -10.92 45.22 5.65
CA SER B 648 -10.46 46.58 5.39
C SER B 648 -9.33 47.00 6.33
N THR B 649 -9.45 46.62 7.61
CA THR B 649 -8.48 47.07 8.60
C THR B 649 -7.06 46.60 8.24
N THR B 650 -6.91 45.31 7.92
CA THR B 650 -5.60 44.83 7.52
C THR B 650 -5.14 45.38 6.18
N GLU B 651 -6.02 45.39 5.16
CA GLU B 651 -5.64 45.89 3.84
C GLU B 651 -4.98 47.26 3.94
N ALA B 652 -5.68 48.23 4.54
CA ALA B 652 -5.14 49.59 4.60
C ALA B 652 -3.73 49.61 5.19
N GLU B 653 -3.54 48.99 6.35
CA GLU B 653 -2.23 49.06 7.00
C GLU B 653 -1.16 48.32 6.19
N ILE B 654 -1.50 47.19 5.56
CA ILE B 654 -0.49 46.47 4.78
C ILE B 654 -0.12 47.27 3.54
N LEU B 655 -1.10 47.96 2.94
CA LEU B 655 -0.81 48.85 1.82
C LEU B 655 0.14 49.96 2.24
N ASN B 656 -0.10 50.54 3.42
CA ASN B 656 0.80 51.59 3.90
C ASN B 656 2.21 51.04 4.09
N ALA B 657 2.29 49.85 4.70
CA ALA B 657 3.59 49.22 4.93
C ALA B 657 4.34 48.99 3.62
N LEU B 658 3.65 48.48 2.60
CA LEU B 658 4.34 48.21 1.34
C LEU B 658 4.65 49.49 0.60
N LYS B 659 3.87 50.55 0.82
CA LYS B 659 4.23 51.84 0.24
C LYS B 659 5.52 52.36 0.85
N ALA B 660 5.64 52.26 2.18
CA ALA B 660 6.85 52.69 2.86
C ALA B 660 8.06 51.86 2.42
N LEU B 661 7.87 50.54 2.27
CA LEU B 661 8.95 49.67 1.83
C LEU B 661 9.42 50.03 0.42
N ALA B 662 8.48 50.36 -0.46
CA ALA B 662 8.77 50.63 -1.86
C ALA B 662 9.20 52.07 -2.13
N SER B 663 9.29 52.92 -1.10
CA SER B 663 9.60 54.32 -1.33
C SER B 663 10.97 54.51 -1.99
N ASN B 664 11.98 53.78 -1.53
CA ASN B 664 13.33 53.97 -2.04
C ASN B 664 13.69 53.05 -3.20
N ARG B 665 12.79 52.15 -3.60
CA ARG B 665 13.04 51.20 -4.69
C ARG B 665 11.97 51.37 -5.76
N THR B 666 12.39 51.38 -7.02
CA THR B 666 11.42 51.37 -8.11
C THR B 666 10.56 50.12 -8.04
N SER B 667 9.25 50.29 -8.16
CA SER B 667 8.31 49.20 -7.96
C SER B 667 7.37 49.07 -9.14
N ILE B 668 6.94 47.84 -9.40
CA ILE B 668 5.95 47.52 -10.42
C ILE B 668 4.86 46.67 -9.75
N PHE B 669 3.61 47.11 -9.84
CA PHE B 669 2.49 46.41 -9.25
C PHE B 669 1.50 45.99 -10.33
N ILE B 670 1.17 44.70 -10.37
CA ILE B 670 0.13 44.18 -11.24
C ILE B 670 -1.10 43.92 -10.38
N ALA B 671 -2.19 44.62 -10.65
CA ALA B 671 -3.40 44.48 -9.86
C ALA B 671 -4.58 44.30 -10.80
N HIS B 672 -5.31 43.18 -10.62
CA HIS B 672 -6.54 42.99 -11.38
C HIS B 672 -7.56 44.03 -11.00
N ARG B 673 -7.67 44.33 -9.70
CA ARG B 673 -8.57 45.35 -9.22
C ARG B 673 -7.89 46.71 -9.39
N LEU B 674 -8.69 47.74 -9.67
CA LEU B 674 -8.14 49.06 -9.95
C LEU B 674 -8.03 49.91 -8.69
N THR B 675 -9.13 50.03 -7.94
CA THR B 675 -9.11 50.86 -6.74
C THR B 675 -8.01 50.43 -5.77
N THR B 676 -7.65 49.15 -5.77
CA THR B 676 -6.64 48.66 -4.83
C THR B 676 -5.30 49.35 -5.04
N ALA B 677 -4.86 49.47 -6.29
CA ALA B 677 -3.58 50.10 -6.62
C ALA B 677 -3.80 51.31 -7.52
N MET B 678 -4.03 52.47 -6.92
CA MET B 678 -4.12 53.73 -7.65
C MET B 678 -2.95 54.66 -7.38
N GLN B 679 -2.00 54.26 -6.52
CA GLN B 679 -1.01 55.17 -5.99
C GLN B 679 0.26 55.25 -6.84
N CYS B 680 0.37 54.45 -7.90
CA CYS B 680 1.54 54.52 -8.75
C CYS B 680 1.55 55.84 -9.54
N ASP B 681 2.71 56.13 -10.12
CA ASP B 681 2.84 57.35 -10.94
C ASP B 681 2.13 57.18 -12.28
N GLU B 682 2.31 56.04 -12.93
CA GLU B 682 1.67 55.77 -14.22
C GLU B 682 0.96 54.42 -14.14
N ILE B 683 0.03 54.21 -15.07
CA ILE B 683 -0.79 53.02 -15.12
C ILE B 683 -0.76 52.48 -16.54
N VAL B 684 -0.39 51.21 -16.69
CA VAL B 684 -0.27 50.56 -17.99
C VAL B 684 -1.50 49.68 -18.18
N VAL B 685 -2.43 50.13 -19.02
CA VAL B 685 -3.59 49.32 -19.36
C VAL B 685 -3.16 48.18 -20.28
N LEU B 686 -3.58 46.96 -19.95
CA LEU B 686 -3.32 45.79 -20.77
C LEU B 686 -4.64 45.15 -21.16
N GLU B 687 -4.89 45.06 -22.46
CA GLU B 687 -6.08 44.39 -22.97
C GLU B 687 -5.72 43.66 -24.26
N ASN B 688 -6.21 42.42 -24.39
CA ASN B 688 -5.89 41.57 -25.52
C ASN B 688 -4.38 41.40 -25.68
N GLY B 689 -3.69 41.32 -24.56
CA GLY B 689 -2.24 41.13 -24.53
C GLY B 689 -1.43 42.16 -25.30
N LYS B 690 -1.76 43.45 -25.14
CA LYS B 690 -0.99 44.52 -25.76
C LYS B 690 -1.23 45.81 -24.99
N VAL B 691 -0.25 46.72 -25.10
CA VAL B 691 -0.28 47.99 -24.39
C VAL B 691 -1.37 48.87 -24.99
N VAL B 692 -2.34 49.28 -24.17
CA VAL B 692 -3.47 50.07 -24.64
C VAL B 692 -3.33 51.53 -24.24
N GLU B 693 -3.07 51.81 -22.96
CA GLU B 693 -3.03 53.18 -22.47
C GLU B 693 -1.88 53.36 -21.50
N GLN B 694 -1.24 54.53 -21.55
CA GLN B 694 -0.09 54.85 -20.71
C GLN B 694 -0.28 56.25 -20.12
N GLY B 695 -0.80 56.34 -18.91
CA GLY B 695 -0.86 57.60 -18.22
C GLY B 695 -1.30 57.53 -16.76
N PRO B 696 -1.32 58.69 -16.10
CA PRO B 696 -2.00 58.80 -14.80
C PRO B 696 -3.48 58.50 -14.93
N HIS B 697 -4.04 57.95 -13.84
CA HIS B 697 -5.34 57.28 -13.91
C HIS B 697 -6.48 58.23 -14.26
N ASP B 698 -6.36 59.52 -13.94
CA ASP B 698 -7.50 60.41 -14.08
C ASP B 698 -7.90 60.58 -15.54
N GLU B 699 -6.94 60.86 -16.42
CA GLU B 699 -7.31 60.92 -17.82
C GLU B 699 -7.56 59.55 -18.42
N LEU B 700 -7.17 58.47 -17.73
CA LEU B 700 -7.59 57.14 -18.17
C LEU B 700 -9.09 56.96 -17.94
N LEU B 701 -9.58 57.41 -16.78
CA LEU B 701 -11.02 57.44 -16.56
C LEU B 701 -11.70 58.36 -17.56
N GLY B 702 -11.05 59.48 -17.89
CA GLY B 702 -11.63 60.43 -18.81
C GLY B 702 -11.46 60.11 -20.28
N LYS B 703 -10.78 59.02 -20.60
CA LYS B 703 -10.61 58.56 -21.98
C LYS B 703 -11.66 57.54 -22.40
N SER B 704 -12.61 57.22 -21.52
CA SER B 704 -13.59 56.16 -21.74
C SER B 704 -12.94 54.86 -22.19
N GLY B 705 -11.72 54.60 -21.69
CA GLY B 705 -10.97 53.43 -22.08
C GLY B 705 -11.26 52.24 -21.19
N ARG B 706 -10.48 51.18 -21.40
CA ARG B 706 -10.61 49.97 -20.59
C ARG B 706 -10.55 50.29 -19.10
N TYR B 707 -9.54 51.08 -18.71
CA TYR B 707 -9.37 51.44 -17.31
C TYR B 707 -10.62 52.13 -16.77
N ALA B 708 -11.24 53.01 -17.58
CA ALA B 708 -12.40 53.76 -17.13
C ALA B 708 -13.56 52.84 -16.78
N GLN B 709 -13.87 51.87 -17.67
CA GLN B 709 -14.97 50.96 -17.38
C GLN B 709 -14.62 50.04 -16.22
N LEU B 710 -13.38 49.54 -16.18
CA LEU B 710 -13.02 48.61 -15.13
C LEU B 710 -13.16 49.25 -13.76
N TRP B 711 -12.63 50.48 -13.61
CA TRP B 711 -12.73 51.16 -12.32
C TRP B 711 -14.18 51.54 -12.01
N THR B 712 -14.92 52.04 -13.01
CA THR B 712 -16.29 52.46 -12.77
C THR B 712 -17.19 51.27 -12.45
N GLN B 713 -16.76 50.05 -12.77
CA GLN B 713 -17.51 48.87 -12.35
C GLN B 713 -16.96 48.27 -11.06
N GLN B 714 -15.71 48.57 -10.71
CA GLN B 714 -15.18 48.19 -9.40
C GLN B 714 -15.84 48.98 -8.29
N ASN B 715 -16.04 50.29 -8.49
CA ASN B 715 -16.81 51.05 -7.50
C ASN B 715 -18.31 50.98 -7.75
N SER B 716 -18.73 51.05 -9.01
CA SER B 716 -20.15 51.07 -9.39
C SER B 716 -20.95 52.08 -8.59
#